data_5Z0U
#
_entry.id   5Z0U
#
_cell.length_a   76.972
_cell.length_b   54.022
_cell.length_c   77.907
_cell.angle_alpha   90.00
_cell.angle_beta   100.07
_cell.angle_gamma   90.00
#
_symmetry.space_group_name_H-M   'P 1 21 1'
#
loop_
_entity.id
_entity.type
_entity.pdbx_description
1 polymer 'Neopullulanase 1'
2 non-polymer 'CALCIUM ION'
3 non-polymer (4S)-2-METHYL-2,4-PENTANEDIOL
4 water water
#
_entity_poly.entity_id   1
_entity_poly.type   'polypeptide(L)'
_entity_poly.pdbx_seq_one_letter_code
;AANDNNVEWNGLFHDQGPLFDNAPEPTSTQSVTLKLRTFKGDITSANIKYWDTADNAFHWVPMVWDSNDPTGTFDYWKGT
IPASPSIKYYRFQINDGTSTAWYNGNGPSSTEPNADDFYIIPNFKTPDWLKNGVMYQIFPDRFYNGDSSNDVQTGSYTYN
GTPTEKKAWGSSVYADPGYDNSLVFFGGDLAGIDQKLGYIKKTLGANILYLNPIFKAPTNHKYDTQDYMAVDPAFGDNST
LQTLINDIHSTANGPKGYLILDGVFNHTGDSHPWFDKYNNFSSQGAYESQSSPWYNYYTFYTWPDSYASFLGFNSLPKLN
YGNSGSAVRGVIYNNSNSVAKTYLNPPYSVDGWRLDAAQYVDHQIWSEFRNAVKGVNSNAAIIGEYWGNANPWTAQGNQW
DAATNFDGFTQPVSEWITGKDYQNNSASISTTQFDSWLRGTRANYPTNVQQSMMNFLSNHDITRFATRSGGDLWKTYLAL
IFQMTYVGTPTIYYGDEYGMQGGADPDNRRSFDWSQATPSNSAVALTQKLITIRNQYPALRTGSFMTLITDDTNKIYSYG
RFDNVNRIAVVLNNDSVSHTVNVPVWQLSMPNGSTVTDKITGHSYTVQNGMVTVAVDGHYGAVLAQ
;
_entity_poly.pdbx_strand_id   A
#
loop_
_chem_comp.id
_chem_comp.type
_chem_comp.name
_chem_comp.formula
CA non-polymer 'CALCIUM ION' 'Ca 2'
MPD non-polymer (4S)-2-METHYL-2,4-PENTANEDIOL 'C6 H14 O2'
#
# COMPACT_ATOMS: atom_id res chain seq x y z
N ALA A 1 14.82 31.42 -19.48
CA ALA A 1 15.64 31.73 -18.26
C ALA A 1 17.02 32.18 -18.65
N ALA A 2 17.71 32.79 -17.70
CA ALA A 2 19.06 33.34 -17.89
C ALA A 2 19.77 33.44 -16.55
N ASN A 3 21.05 33.80 -16.57
CA ASN A 3 21.78 34.13 -15.34
C ASN A 3 21.37 35.58 -15.05
N ASP A 4 20.47 35.76 -14.12
CA ASP A 4 19.82 37.06 -13.86
C ASP A 4 19.45 37.28 -12.39
N ASN A 5 20.25 36.71 -11.49
CA ASN A 5 20.00 36.80 -10.05
C ASN A 5 18.59 36.35 -9.65
N ASN A 6 18.14 35.26 -10.27
CA ASN A 6 16.83 34.70 -9.97
C ASN A 6 16.71 33.24 -10.35
N VAL A 7 16.49 32.37 -9.36
CA VAL A 7 16.22 30.96 -9.63
C VAL A 7 14.74 30.79 -9.94
N GLU A 8 14.44 30.23 -11.11
CA GLU A 8 13.04 30.05 -11.54
C GLU A 8 12.51 28.70 -11.05
N TRP A 9 11.66 28.74 -10.03
CA TRP A 9 11.18 27.52 -9.39
C TRP A 9 10.45 26.54 -10.32
N ASN A 10 9.72 27.07 -11.31
CA ASN A 10 8.95 26.22 -12.22
CA ASN A 10 8.94 26.21 -12.20
C ASN A 10 9.81 25.30 -13.08
N GLY A 11 11.09 25.64 -13.24
CA GLY A 11 12.04 24.81 -13.98
C GLY A 11 12.71 23.72 -13.16
N LEU A 12 12.58 23.80 -11.83
CA LEU A 12 13.31 22.90 -10.93
C LEU A 12 12.64 21.56 -10.79
N PHE A 13 13.42 20.48 -10.77
CA PHE A 13 12.89 19.17 -10.40
C PHE A 13 13.98 18.21 -9.97
N HIS A 14 13.66 17.43 -8.95
CA HIS A 14 14.40 16.20 -8.62
C HIS A 14 13.48 15.26 -7.88
N ASP A 15 13.58 13.98 -8.22
CA ASP A 15 13.17 12.92 -7.32
C ASP A 15 14.09 11.74 -7.59
N GLN A 16 13.79 10.55 -7.05
CA GLN A 16 14.70 9.44 -7.21
C GLN A 16 14.32 8.46 -8.31
N GLY A 17 13.54 8.94 -9.28
CA GLY A 17 13.24 8.17 -10.47
C GLY A 17 14.44 8.09 -11.41
N PRO A 18 14.35 7.24 -12.44
CA PRO A 18 15.51 6.90 -13.28
C PRO A 18 16.26 8.05 -13.94
N LEU A 19 15.58 9.12 -14.33
CA LEU A 19 16.28 10.23 -14.97
C LEU A 19 17.18 11.02 -14.02
N PHE A 20 16.93 10.87 -12.72
CA PHE A 20 17.52 11.73 -11.72
C PHE A 20 18.41 11.03 -10.70
N ASP A 21 18.39 9.71 -10.67
CA ASP A 21 19.14 8.99 -9.63
C ASP A 21 19.46 7.63 -10.24
N ASN A 22 20.75 7.32 -10.34
CA ASN A 22 21.19 6.06 -10.96
C ASN A 22 21.21 4.87 -10.00
N ALA A 23 20.94 5.11 -8.72
CA ALA A 23 21.08 4.07 -7.70
C ALA A 23 20.09 4.31 -6.55
N PRO A 24 18.78 4.09 -6.79
CA PRO A 24 17.78 4.33 -5.75
C PRO A 24 17.79 3.31 -4.60
N GLU A 25 18.36 2.13 -4.80
CA GLU A 25 18.53 1.14 -3.73
C GLU A 25 20.00 0.68 -3.75
N PRO A 26 20.92 1.58 -3.41
CA PRO A 26 22.33 1.27 -3.53
C PRO A 26 22.82 0.30 -2.47
N THR A 27 23.87 -0.44 -2.80
CA THR A 27 24.60 -1.22 -1.81
C THR A 27 25.64 -0.31 -1.18
N SER A 28 26.43 -0.88 -0.27
CA SER A 28 27.52 -0.14 0.37
C SER A 28 28.61 0.35 -0.58
N THR A 29 28.74 -0.28 -1.74
CA THR A 29 29.82 0.03 -2.68
C THR A 29 29.36 0.77 -3.94
N GLN A 30 28.08 1.13 -4.01
CA GLN A 30 27.53 1.87 -5.15
C GLN A 30 27.39 3.34 -4.81
N SER A 31 28.08 4.19 -5.56
CA SER A 31 27.90 5.63 -5.42
C SER A 31 26.55 6.04 -6.02
N VAL A 32 26.10 7.24 -5.64
CA VAL A 32 24.78 7.73 -6.04
C VAL A 32 24.96 9.03 -6.82
N THR A 33 24.74 8.95 -8.12
CA THR A 33 24.78 10.13 -8.97
C THR A 33 23.39 10.69 -9.15
N LEU A 34 23.26 11.96 -8.77
CA LEU A 34 22.00 12.68 -8.73
C LEU A 34 21.97 13.77 -9.78
N LYS A 35 20.82 13.92 -10.44
CA LYS A 35 20.62 15.02 -11.39
C LYS A 35 19.50 15.92 -10.91
N LEU A 36 19.74 17.23 -11.05
CA LEU A 36 18.76 18.26 -10.75
C LEU A 36 18.42 18.97 -12.06
N ARG A 37 17.13 19.04 -12.37
CA ARG A 37 16.66 19.80 -13.53
C ARG A 37 16.46 21.26 -13.17
N THR A 38 16.80 22.15 -14.11
CA THR A 38 16.44 23.57 -14.06
C THR A 38 16.01 24.00 -15.46
N PHE A 39 15.43 25.18 -15.59
CA PHE A 39 15.32 25.76 -16.93
C PHE A 39 16.73 25.96 -17.51
N LYS A 40 16.83 25.84 -18.83
CA LYS A 40 18.10 26.04 -19.52
C LYS A 40 18.70 27.42 -19.22
N GLY A 41 19.96 27.43 -18.79
CA GLY A 41 20.70 28.64 -18.51
C GLY A 41 20.22 29.42 -17.30
N ASP A 42 19.44 28.81 -16.41
CA ASP A 42 18.81 29.55 -15.31
C ASP A 42 19.74 29.85 -14.13
N ILE A 43 20.71 28.97 -13.87
CA ILE A 43 21.49 29.04 -12.63
C ILE A 43 22.99 29.11 -12.88
N THR A 44 23.71 29.55 -11.86
CA THR A 44 25.18 29.65 -11.92
C THR A 44 25.89 28.53 -11.18
N SER A 45 25.26 27.96 -10.14
CA SER A 45 25.84 26.83 -9.41
C SER A 45 24.77 26.08 -8.64
N ALA A 46 25.07 24.83 -8.31
CA ALA A 46 24.22 24.08 -7.41
C ALA A 46 25.07 23.13 -6.62
N ASN A 47 24.61 22.79 -5.43
CA ASN A 47 25.32 21.89 -4.51
C ASN A 47 24.38 20.86 -3.95
N ILE A 48 24.84 19.62 -3.86
CA ILE A 48 24.19 18.62 -3.04
C ILE A 48 24.72 18.82 -1.63
N LYS A 49 23.82 18.98 -0.67
CA LYS A 49 24.19 19.04 0.73
C LYS A 49 23.59 17.82 1.40
N TYR A 50 24.42 16.92 1.90
CA TYR A 50 23.91 15.70 2.51
C TYR A 50 24.41 15.51 3.94
N TRP A 51 23.51 15.06 4.81
CA TRP A 51 23.86 14.61 6.16
C TRP A 51 24.36 13.17 6.08
N ASP A 52 25.55 12.89 6.63
CA ASP A 52 26.03 11.52 6.74
C ASP A 52 25.91 11.05 8.18
N THR A 53 25.11 10.01 8.40
CA THR A 53 24.98 9.41 9.74
C THR A 53 26.28 8.75 10.21
N ALA A 54 27.23 8.48 9.30
CA ALA A 54 28.55 7.96 9.66
C ALA A 54 29.36 8.91 10.54
N ASP A 55 29.27 10.23 10.29
CA ASP A 55 30.01 11.22 11.07
C ASP A 55 29.18 12.36 11.62
N ASN A 56 27.85 12.24 11.58
CA ASN A 56 26.93 13.26 12.09
C ASN A 56 27.31 14.66 11.65
N ALA A 57 27.42 14.83 10.33
CA ALA A 57 27.84 16.10 9.76
C ALA A 57 27.28 16.24 8.35
N PHE A 58 27.14 17.49 7.92
CA PHE A 58 26.81 17.80 6.54
C PHE A 58 28.06 17.79 5.66
N HIS A 59 27.86 17.41 4.42
CA HIS A 59 28.89 17.34 3.40
C HIS A 59 28.32 18.00 2.15
N TRP A 60 29.15 18.78 1.47
CA TRP A 60 28.73 19.53 0.28
C TRP A 60 29.43 18.97 -0.95
N VAL A 61 28.65 18.68 -1.99
CA VAL A 61 29.17 18.20 -3.26
C VAL A 61 28.76 19.22 -4.35
N PRO A 62 29.74 19.95 -4.91
CA PRO A 62 29.38 20.85 -6.02
C PRO A 62 28.92 20.09 -7.24
N MET A 63 27.93 20.63 -7.93
CA MET A 63 27.39 20.01 -9.13
C MET A 63 27.98 20.65 -10.38
N VAL A 64 27.87 19.93 -11.50
CA VAL A 64 28.30 20.46 -12.80
C VAL A 64 27.16 20.33 -13.79
N TRP A 65 27.19 21.15 -14.82
CA TRP A 65 26.22 21.02 -15.91
C TRP A 65 26.44 19.69 -16.62
N ASP A 66 25.36 18.93 -16.78
CA ASP A 66 25.41 17.62 -17.41
C ASP A 66 24.96 17.62 -18.86
N SER A 67 23.79 18.19 -19.14
CA SER A 67 23.12 18.03 -20.44
C SER A 67 21.91 18.94 -20.53
N ASN A 68 21.36 19.02 -21.74
CA ASN A 68 20.02 19.54 -21.96
C ASN A 68 19.11 18.34 -22.14
N ASP A 69 17.80 18.56 -21.94
CA ASP A 69 16.82 17.56 -22.29
C ASP A 69 16.60 17.61 -23.81
N PRO A 70 15.89 16.61 -24.38
CA PRO A 70 15.71 16.64 -25.84
C PRO A 70 14.96 17.85 -26.39
N THR A 71 14.10 18.50 -25.59
CA THR A 71 13.35 19.66 -26.07
C THR A 71 14.14 20.97 -26.05
N GLY A 72 15.31 20.96 -25.39
CA GLY A 72 16.12 22.17 -25.24
C GLY A 72 15.58 23.19 -24.24
N THR A 73 14.59 22.81 -23.44
CA THR A 73 13.95 23.69 -22.48
C THR A 73 14.71 23.71 -21.13
N PHE A 74 15.37 22.60 -20.82
CA PHE A 74 15.94 22.36 -19.49
C PHE A 74 17.44 22.05 -19.54
N ASP A 75 18.10 22.38 -18.43
CA ASP A 75 19.41 21.84 -18.08
C ASP A 75 19.22 20.74 -17.06
N TYR A 76 20.13 19.76 -17.08
CA TYR A 76 20.35 18.87 -15.94
C TYR A 76 21.73 19.16 -15.41
N TRP A 77 21.82 19.31 -14.09
CA TRP A 77 23.09 19.40 -13.37
C TRP A 77 23.29 18.08 -12.65
N LYS A 78 24.54 17.68 -12.40
CA LYS A 78 24.82 16.41 -11.74
C LYS A 78 25.90 16.51 -10.67
N GLY A 79 25.81 15.59 -9.73
CA GLY A 79 26.85 15.40 -8.72
C GLY A 79 26.68 14.05 -8.09
N THR A 80 27.73 13.55 -7.44
CA THR A 80 27.74 12.20 -6.93
C THR A 80 28.01 12.19 -5.43
N ILE A 81 27.18 11.44 -4.71
CA ILE A 81 27.37 11.17 -3.29
C ILE A 81 28.18 9.88 -3.22
N PRO A 82 29.27 9.88 -2.43
CA PRO A 82 30.10 8.68 -2.42
C PRO A 82 29.44 7.45 -1.80
N ALA A 83 29.94 6.28 -2.23
CA ALA A 83 29.51 5.00 -1.73
C ALA A 83 29.97 4.79 -0.29
N SER A 84 29.08 4.34 0.57
CA SER A 84 29.43 3.80 1.89
C SER A 84 28.21 3.07 2.44
N PRO A 85 28.36 2.39 3.60
CA PRO A 85 27.20 1.69 4.17
C PRO A 85 26.19 2.60 4.88
N SER A 86 26.52 3.87 5.11
CA SER A 86 25.76 4.71 6.02
C SER A 86 24.49 5.32 5.39
N ILE A 87 23.48 5.47 6.21
CA ILE A 87 22.28 6.24 5.85
C ILE A 87 22.69 7.70 5.67
N LYS A 88 22.17 8.31 4.61
CA LYS A 88 22.44 9.71 4.30
C LYS A 88 21.13 10.38 3.89
N TYR A 89 21.05 11.68 4.09
CA TYR A 89 19.87 12.48 3.74
C TYR A 89 20.33 13.68 2.95
N TYR A 90 19.65 14.04 1.86
CA TYR A 90 20.14 15.15 1.05
C TYR A 90 19.09 16.13 0.59
N ARG A 91 19.58 17.34 0.32
CA ARG A 91 18.85 18.43 -0.25
C ARG A 91 19.77 19.15 -1.23
N PHE A 92 19.21 20.07 -2.00
CA PHE A 92 20.00 20.85 -2.96
C PHE A 92 19.95 22.31 -2.62
N GLN A 93 21.11 22.96 -2.74
CA GLN A 93 21.20 24.41 -2.79
C GLN A 93 21.37 24.81 -4.25
N ILE A 94 20.56 25.76 -4.70
CA ILE A 94 20.49 26.15 -6.10
C ILE A 94 20.70 27.65 -6.18
N ASN A 95 21.75 28.08 -6.88
CA ASN A 95 22.14 29.48 -6.90
C ASN A 95 22.12 30.06 -8.30
N ASP A 96 21.53 31.25 -8.42
CA ASP A 96 21.74 32.09 -9.60
C ASP A 96 22.20 33.44 -9.09
N GLY A 97 23.52 33.63 -9.03
CA GLY A 97 24.08 34.83 -8.43
C GLY A 97 23.55 35.06 -7.01
N THR A 98 22.90 36.20 -6.79
CA THR A 98 22.44 36.56 -5.45
C THR A 98 21.15 35.86 -5.02
N SER A 99 20.53 35.10 -5.94
CA SER A 99 19.32 34.33 -5.64
C SER A 99 19.69 32.89 -5.29
N THR A 100 19.17 32.39 -4.16
CA THR A 100 19.31 30.98 -3.78
C THR A 100 17.92 30.38 -3.53
N ALA A 101 17.72 29.17 -4.02
CA ALA A 101 16.57 28.33 -3.64
C ALA A 101 17.12 27.05 -3.08
N TRP A 102 16.33 26.41 -2.23
CA TRP A 102 16.62 25.08 -1.75
C TRP A 102 15.59 24.12 -2.30
N TYR A 103 15.93 22.84 -2.33
CA TYR A 103 15.02 21.83 -2.89
C TYR A 103 15.23 20.51 -2.19
N ASN A 104 14.14 19.88 -1.75
CA ASN A 104 14.23 18.51 -1.27
C ASN A 104 12.93 17.74 -1.55
N GLY A 105 12.59 16.73 -0.75
CA GLY A 105 11.39 15.93 -0.99
C GLY A 105 10.11 16.71 -1.05
N ASN A 106 10.08 17.84 -0.34
CA ASN A 106 8.94 18.74 -0.36
C ASN A 106 8.97 19.79 -1.49
N GLY A 107 9.94 19.69 -2.40
CA GLY A 107 10.05 20.65 -3.50
C GLY A 107 10.85 21.89 -3.15
N PRO A 108 10.60 23.00 -3.86
CA PRO A 108 11.39 24.21 -3.68
C PRO A 108 11.04 24.98 -2.42
N SER A 109 12.02 25.73 -1.91
CA SER A 109 11.84 26.59 -0.73
C SER A 109 12.81 27.75 -0.82
N SER A 110 12.39 28.92 -0.34
CA SER A 110 13.30 30.08 -0.29
C SER A 110 14.27 29.97 0.88
N THR A 111 13.86 29.26 1.92
CA THR A 111 14.69 29.01 3.09
C THR A 111 15.15 27.57 3.11
N GLU A 112 16.28 27.32 3.77
CA GLU A 112 16.81 25.97 3.86
C GLU A 112 15.91 25.10 4.74
N PRO A 113 15.38 23.99 4.18
CA PRO A 113 14.53 23.11 4.96
C PRO A 113 15.33 22.27 5.94
N ASN A 114 14.70 21.78 7.00
CA ASN A 114 15.34 20.83 7.92
C ASN A 114 14.57 19.50 8.06
N ALA A 115 13.55 19.30 7.21
CA ALA A 115 12.73 18.09 7.17
C ALA A 115 12.48 17.77 5.71
N ASP A 116 12.04 16.55 5.45
CA ASP A 116 11.70 16.07 4.11
C ASP A 116 12.88 16.01 3.14
N ASP A 117 14.08 15.79 3.67
CA ASP A 117 15.21 15.48 2.82
C ASP A 117 14.96 14.17 2.10
N PHE A 118 15.65 13.99 0.98
CA PHE A 118 15.66 12.70 0.29
C PHE A 118 16.51 11.70 1.06
N TYR A 119 16.18 10.42 0.92
CA TYR A 119 16.84 9.33 1.66
C TYR A 119 17.80 8.54 0.78
N ILE A 120 18.96 8.19 1.35
CA ILE A 120 19.81 7.15 0.81
C ILE A 120 20.04 6.14 1.95
N ILE A 121 19.58 4.90 1.76
CA ILE A 121 19.65 3.86 2.78
C ILE A 121 20.35 2.65 2.17
N PRO A 122 21.69 2.65 2.25
CA PRO A 122 22.39 1.54 1.59
C PRO A 122 21.98 0.18 2.12
N ASN A 123 21.86 -0.76 1.19
CA ASN A 123 21.51 -2.17 1.45
C ASN A 123 20.05 -2.42 1.83
N PHE A 124 19.22 -1.39 1.86
CA PHE A 124 17.79 -1.56 2.10
C PHE A 124 17.09 -1.81 0.77
N LYS A 125 16.46 -2.97 0.67
CA LYS A 125 15.71 -3.38 -0.50
C LYS A 125 14.30 -3.70 -0.07
N THR A 126 13.33 -3.26 -0.88
CA THR A 126 11.99 -3.83 -0.79
C THR A 126 11.79 -4.74 -2.00
N PRO A 127 10.92 -5.76 -1.90
CA PRO A 127 10.81 -6.70 -3.02
C PRO A 127 10.32 -6.01 -4.28
N ASP A 128 11.01 -6.23 -5.41
CA ASP A 128 10.63 -5.55 -6.64
C ASP A 128 9.27 -6.02 -7.17
N TRP A 129 8.87 -7.25 -6.89
CA TRP A 129 7.53 -7.70 -7.29
C TRP A 129 6.42 -6.89 -6.60
N LEU A 130 6.70 -6.41 -5.40
CA LEU A 130 5.73 -5.60 -4.66
C LEU A 130 5.65 -4.21 -5.30
N LYS A 131 6.80 -3.60 -5.60
CA LYS A 131 6.83 -2.31 -6.31
C LYS A 131 6.07 -2.36 -7.63
N ASN A 132 6.19 -3.49 -8.34
CA ASN A 132 5.67 -3.59 -9.71
C ASN A 132 4.33 -4.29 -9.81
N GLY A 133 3.74 -4.70 -8.69
CA GLY A 133 2.56 -5.55 -8.71
C GLY A 133 1.25 -4.82 -8.51
N VAL A 134 0.17 -5.57 -8.64
CA VAL A 134 -1.18 -5.16 -8.30
C VAL A 134 -1.73 -6.21 -7.36
N MET A 135 -2.24 -5.73 -6.22
CA MET A 135 -2.69 -6.57 -5.13
C MET A 135 -4.21 -6.62 -5.06
N TYR A 136 -4.72 -7.77 -4.61
CA TYR A 136 -6.15 -8.02 -4.49
C TYR A 136 -6.36 -8.56 -3.07
N GLN A 137 -7.12 -7.82 -2.26
CA GLN A 137 -7.38 -8.18 -0.87
C GLN A 137 -8.69 -8.93 -0.74
N ILE A 138 -8.63 -10.10 -0.10
CA ILE A 138 -9.78 -10.99 0.10
C ILE A 138 -10.04 -11.18 1.58
N PHE A 139 -11.28 -10.90 2.00
CA PHE A 139 -11.78 -11.28 3.32
C PHE A 139 -12.42 -12.66 3.09
N PRO A 140 -11.75 -13.75 3.53
CA PRO A 140 -12.09 -15.07 2.99
C PRO A 140 -13.52 -15.54 3.13
N ASP A 141 -14.19 -15.26 4.24
CA ASP A 141 -15.57 -15.75 4.37
C ASP A 141 -16.53 -15.18 3.34
N ARG A 142 -16.13 -14.09 2.69
CA ARG A 142 -17.07 -13.30 1.87
C ARG A 142 -16.77 -13.24 0.40
N PHE A 143 -15.69 -13.91 -0.04
CA PHE A 143 -15.25 -13.80 -1.43
C PHE A 143 -15.93 -14.86 -2.30
N TYR A 144 -15.64 -16.14 -2.07
CA TYR A 144 -16.29 -17.20 -2.87
C TYR A 144 -16.32 -18.50 -2.10
N ASN A 145 -17.50 -19.09 -2.01
CA ASN A 145 -17.68 -20.38 -1.36
C ASN A 145 -17.38 -21.49 -2.38
N GLY A 146 -16.16 -22.03 -2.32
CA GLY A 146 -15.74 -23.09 -3.23
C GLY A 146 -16.22 -24.46 -2.82
N ASP A 147 -16.61 -24.64 -1.56
CA ASP A 147 -17.01 -25.96 -1.04
C ASP A 147 -18.00 -25.85 0.09
N SER A 148 -19.22 -26.38 -0.06
CA SER A 148 -20.15 -26.32 1.07
C SER A 148 -19.80 -27.28 2.20
N SER A 149 -18.94 -28.29 1.95
CA SER A 149 -18.68 -29.32 2.97
CA SER A 149 -18.62 -29.32 2.97
C SER A 149 -18.03 -28.74 4.25
N ASN A 150 -17.32 -27.63 4.13
CA ASN A 150 -16.66 -27.02 5.27
C ASN A 150 -17.43 -25.83 5.85
N ASP A 151 -18.64 -25.55 5.34
CA ASP A 151 -19.38 -24.37 5.83
C ASP A 151 -19.75 -24.50 7.32
N VAL A 152 -19.55 -23.42 8.06
CA VAL A 152 -20.11 -23.30 9.39
C VAL A 152 -21.63 -23.21 9.22
N GLN A 153 -22.37 -23.98 10.01
CA GLN A 153 -23.82 -23.96 9.99
C GLN A 153 -24.33 -23.18 11.18
N THR A 154 -25.60 -22.79 11.11
CA THR A 154 -26.26 -22.19 12.25
C THR A 154 -26.25 -23.21 13.39
N GLY A 155 -25.74 -22.79 14.54
CA GLY A 155 -25.62 -23.67 15.70
C GLY A 155 -24.47 -24.65 15.70
N SER A 156 -23.57 -24.60 14.72
CA SER A 156 -22.42 -25.50 14.69
C SER A 156 -21.61 -25.47 15.98
N TYR A 157 -21.36 -24.26 16.47
CA TYR A 157 -20.71 -24.09 17.76
C TYR A 157 -21.16 -22.80 18.39
N THR A 158 -20.79 -22.62 19.65
CA THR A 158 -21.06 -21.40 20.36
C THR A 158 -19.75 -20.73 20.75
N TYR A 159 -19.79 -19.42 20.88
CA TYR A 159 -18.65 -18.64 21.37
C TYR A 159 -19.20 -17.60 22.32
N ASN A 160 -18.71 -17.63 23.57
CA ASN A 160 -19.16 -16.72 24.61
C ASN A 160 -20.69 -16.63 24.71
N GLY A 161 -21.34 -17.80 24.64
CA GLY A 161 -22.79 -17.90 24.83
C GLY A 161 -23.69 -17.63 23.63
N THR A 162 -23.12 -17.38 22.45
CA THR A 162 -23.92 -17.12 21.25
C THR A 162 -23.57 -18.18 20.20
N PRO A 163 -24.59 -18.77 19.56
CA PRO A 163 -24.33 -19.73 18.49
C PRO A 163 -23.92 -19.05 17.19
N THR A 164 -23.19 -19.79 16.37
CA THR A 164 -22.90 -19.32 15.01
C THR A 164 -24.18 -19.24 14.19
N GLU A 165 -24.17 -18.37 13.18
CA GLU A 165 -25.26 -18.27 12.22
C GLU A 165 -24.70 -18.37 10.81
N LYS A 166 -25.30 -19.23 10.01
CA LYS A 166 -25.03 -19.27 8.57
C LYS A 166 -26.03 -18.33 7.89
N LYS A 167 -25.56 -17.50 6.96
CA LYS A 167 -26.45 -16.68 6.15
C LYS A 167 -26.24 -16.98 4.67
N ALA A 168 -27.31 -16.83 3.90
CA ALA A 168 -27.32 -17.14 2.47
C ALA A 168 -26.47 -16.17 1.69
N TRP A 169 -25.78 -16.68 0.66
CA TRP A 169 -24.95 -15.82 -0.18
C TRP A 169 -25.79 -14.66 -0.73
N GLY A 170 -25.25 -13.44 -0.69
CA GLY A 170 -25.96 -12.25 -1.16
C GLY A 170 -26.85 -11.56 -0.15
N SER A 171 -27.13 -12.19 1.00
CA SER A 171 -28.00 -11.60 2.01
C SER A 171 -27.24 -10.61 2.88
N SER A 172 -27.98 -9.88 3.68
CA SER A 172 -27.41 -8.93 4.63
C SER A 172 -26.39 -9.59 5.51
N VAL A 173 -25.27 -8.91 5.76
CA VAL A 173 -24.24 -9.42 6.68
C VAL A 173 -24.64 -9.33 8.14
N TYR A 174 -25.61 -8.49 8.48
CA TYR A 174 -25.96 -8.29 9.88
C TYR A 174 -26.60 -9.55 10.46
N ALA A 175 -26.16 -9.94 11.65
CA ALA A 175 -26.70 -11.11 12.32
C ALA A 175 -28.20 -10.93 12.52
N ASP A 176 -28.94 -12.02 12.34
CA ASP A 176 -30.37 -12.03 12.67
C ASP A 176 -30.56 -11.84 14.19
N PRO A 177 -31.79 -11.46 14.61
CA PRO A 177 -31.98 -11.14 16.01
C PRO A 177 -31.58 -12.27 16.97
N GLY A 178 -30.80 -11.92 17.98
CA GLY A 178 -30.27 -12.87 18.95
C GLY A 178 -28.89 -13.39 18.64
N TYR A 179 -28.45 -13.25 17.38
CA TYR A 179 -27.12 -13.70 16.96
C TYR A 179 -26.12 -12.55 17.02
N ASP A 180 -24.84 -12.84 16.75
CA ASP A 180 -23.78 -11.84 16.90
C ASP A 180 -23.08 -11.61 15.57
N ASN A 181 -22.83 -10.34 15.24
CA ASN A 181 -22.22 -9.98 13.94
C ASN A 181 -20.89 -10.66 13.65
N SER A 182 -20.12 -10.96 14.69
CA SER A 182 -18.82 -11.62 14.48
CA SER A 182 -18.81 -11.63 14.50
C SER A 182 -18.91 -13.15 14.33
N LEU A 183 -20.13 -13.69 14.43
CA LEU A 183 -20.36 -15.13 14.31
C LEU A 183 -21.36 -15.43 13.20
N VAL A 184 -21.30 -14.62 12.13
CA VAL A 184 -22.11 -14.80 10.93
C VAL A 184 -21.20 -15.33 9.82
N PHE A 185 -21.59 -16.45 9.20
CA PHE A 185 -20.72 -17.13 8.25
C PHE A 185 -21.42 -17.38 6.92
N PHE A 186 -20.84 -16.84 5.86
CA PHE A 186 -21.35 -17.02 4.50
C PHE A 186 -20.77 -18.23 3.77
N GLY A 187 -19.58 -18.70 4.17
CA GLY A 187 -19.03 -19.92 3.60
C GLY A 187 -17.87 -19.78 2.65
N GLY A 188 -17.38 -18.55 2.43
CA GLY A 188 -16.21 -18.37 1.60
C GLY A 188 -15.00 -19.08 2.15
N ASP A 189 -14.13 -19.56 1.27
CA ASP A 189 -13.05 -20.44 1.70
C ASP A 189 -11.87 -20.43 0.76
N LEU A 190 -10.83 -21.18 1.12
CA LEU A 190 -9.60 -21.22 0.31
C LEU A 190 -9.81 -21.91 -1.03
N ALA A 191 -10.63 -22.96 -1.04
CA ALA A 191 -10.95 -23.63 -2.30
C ALA A 191 -11.63 -22.65 -3.24
N GLY A 192 -12.48 -21.76 -2.71
CA GLY A 192 -13.13 -20.76 -3.51
C GLY A 192 -12.14 -19.76 -4.11
N ILE A 193 -11.18 -19.32 -3.30
CA ILE A 193 -10.10 -18.46 -3.81
C ILE A 193 -9.35 -19.18 -4.95
N ASP A 194 -9.00 -20.45 -4.72
CA ASP A 194 -8.33 -21.23 -5.76
C ASP A 194 -9.11 -21.28 -7.07
N GLN A 195 -10.42 -21.52 -6.96
CA GLN A 195 -11.30 -21.59 -8.13
C GLN A 195 -11.43 -20.24 -8.85
N LYS A 196 -11.18 -19.14 -8.14
CA LYS A 196 -11.28 -17.79 -8.70
C LYS A 196 -9.96 -17.17 -9.08
N LEU A 197 -8.89 -17.95 -9.12
CA LEU A 197 -7.59 -17.39 -9.50
C LEU A 197 -7.56 -16.89 -10.94
N GLY A 198 -8.33 -17.50 -11.83
CA GLY A 198 -8.44 -16.99 -13.19
C GLY A 198 -9.10 -15.63 -13.23
N TYR A 199 -10.15 -15.43 -12.44
CA TYR A 199 -10.74 -14.09 -12.34
C TYR A 199 -9.70 -13.06 -11.85
N ILE A 200 -8.98 -13.40 -10.79
CA ILE A 200 -8.04 -12.45 -10.21
C ILE A 200 -6.89 -12.20 -11.16
N LYS A 201 -6.22 -13.26 -11.61
CA LYS A 201 -4.98 -13.14 -12.37
C LYS A 201 -5.15 -12.83 -13.85
N LYS A 202 -6.34 -13.12 -14.42
CA LYS A 202 -6.58 -12.90 -15.87
C LYS A 202 -7.69 -11.90 -16.15
N THR A 203 -8.87 -12.11 -15.60
CA THR A 203 -9.97 -11.17 -15.83
C THR A 203 -9.60 -9.77 -15.34
N LEU A 204 -8.97 -9.69 -14.17
CA LEU A 204 -8.46 -8.41 -13.68
C LEU A 204 -7.01 -8.24 -14.07
N GLY A 205 -6.16 -9.19 -13.66
CA GLY A 205 -4.71 -9.12 -13.89
C GLY A 205 -3.88 -8.85 -12.66
N ALA A 206 -4.49 -8.87 -11.48
CA ALA A 206 -3.71 -8.72 -10.24
C ALA A 206 -2.80 -9.94 -10.08
N ASN A 207 -1.61 -9.71 -9.54
CA ASN A 207 -0.62 -10.78 -9.33
C ASN A 207 -0.24 -11.00 -7.88
N ILE A 208 -0.83 -10.24 -6.96
CA ILE A 208 -0.58 -10.42 -5.53
C ILE A 208 -1.93 -10.57 -4.84
N LEU A 209 -2.07 -11.61 -4.02
CA LEU A 209 -3.22 -11.77 -3.16
C LEU A 209 -2.84 -11.48 -1.73
N TYR A 210 -3.66 -10.71 -1.03
CA TYR A 210 -3.51 -10.47 0.41
C TYR A 210 -4.79 -10.96 1.06
N LEU A 211 -4.67 -11.90 1.98
CA LEU A 211 -5.82 -12.45 2.71
C LEU A 211 -5.91 -11.89 4.11
N ASN A 212 -7.12 -11.54 4.53
CA ASN A 212 -7.41 -11.36 5.95
C ASN A 212 -7.15 -12.71 6.66
N PRO A 213 -7.17 -12.75 8.01
CA PRO A 213 -6.65 -13.95 8.71
C PRO A 213 -7.35 -15.25 8.32
N ILE A 214 -6.55 -16.32 8.24
CA ILE A 214 -7.07 -17.64 7.83
C ILE A 214 -6.83 -18.73 8.87
N PHE A 215 -6.25 -18.41 10.01
CA PHE A 215 -5.92 -19.43 11.00
C PHE A 215 -7.09 -19.63 11.97
N LYS A 216 -7.11 -20.80 12.60
CA LYS A 216 -8.19 -21.18 13.49
C LYS A 216 -8.54 -20.10 14.52
N ALA A 217 -9.82 -19.74 14.56
CA ALA A 217 -10.35 -18.70 15.45
C ALA A 217 -11.87 -18.80 15.41
N PRO A 218 -12.56 -18.41 16.50
CA PRO A 218 -14.02 -18.63 16.47
C PRO A 218 -14.82 -17.65 15.61
N THR A 219 -14.31 -16.46 15.34
CA THR A 219 -15.11 -15.43 14.64
C THR A 219 -15.03 -15.60 13.12
N ASN A 220 -15.83 -14.79 12.44
CA ASN A 220 -15.77 -14.72 10.98
C ASN A 220 -14.57 -13.94 10.42
N HIS A 221 -13.97 -13.06 11.22
CA HIS A 221 -12.81 -12.25 10.80
C HIS A 221 -11.48 -12.90 11.19
N LYS A 222 -11.49 -13.63 12.30
CA LYS A 222 -10.37 -14.44 12.76
C LYS A 222 -9.14 -13.63 13.18
N TYR A 223 -9.35 -12.41 13.66
CA TYR A 223 -8.29 -11.66 14.32
C TYR A 223 -8.09 -12.11 15.77
N ASP A 224 -8.98 -12.97 16.27
CA ASP A 224 -8.89 -13.55 17.61
C ASP A 224 -8.34 -14.96 17.53
N THR A 225 -7.07 -15.06 17.15
CA THR A 225 -6.43 -16.35 16.84
C THR A 225 -6.51 -17.35 17.98
N GLN A 226 -6.91 -18.58 17.64
CA GLN A 226 -6.87 -19.73 18.55
C GLN A 226 -5.71 -20.68 18.25
N ASP A 227 -5.33 -20.85 16.99
CA ASP A 227 -4.19 -21.70 16.64
C ASP A 227 -3.54 -21.15 15.38
N TYR A 228 -2.38 -20.53 15.54
CA TYR A 228 -1.61 -20.01 14.39
C TYR A 228 -1.18 -21.08 13.40
N MET A 229 -1.09 -22.33 13.86
CA MET A 229 -0.49 -23.40 13.05
C MET A 229 -1.49 -24.17 12.20
N ALA A 230 -2.79 -23.85 12.33
CA ALA A 230 -3.83 -24.56 11.60
C ALA A 230 -4.67 -23.57 10.85
N VAL A 231 -4.87 -23.83 9.56
CA VAL A 231 -5.91 -23.15 8.80
C VAL A 231 -7.25 -23.43 9.47
N ASP A 232 -8.09 -22.41 9.60
CA ASP A 232 -9.39 -22.63 10.20
C ASP A 232 -10.19 -23.62 9.35
N PRO A 233 -10.78 -24.66 9.97
CA PRO A 233 -11.50 -25.65 9.17
C PRO A 233 -12.62 -25.09 8.29
N ALA A 234 -13.22 -23.95 8.65
CA ALA A 234 -14.20 -23.34 7.76
C ALA A 234 -13.59 -22.97 6.43
N PHE A 235 -12.31 -22.60 6.44
CA PHE A 235 -11.65 -22.18 5.22
C PHE A 235 -10.92 -23.29 4.46
N GLY A 236 -10.66 -24.41 5.13
CA GLY A 236 -10.01 -25.55 4.49
C GLY A 236 -9.09 -26.20 5.51
N ASP A 237 -8.05 -26.88 5.04
CA ASP A 237 -7.02 -27.38 5.94
C ASP A 237 -5.67 -26.91 5.42
N ASN A 238 -4.59 -27.29 6.09
CA ASN A 238 -3.28 -26.83 5.67
C ASN A 238 -2.89 -27.33 4.28
N SER A 239 -3.40 -28.50 3.89
CA SER A 239 -3.19 -28.99 2.54
C SER A 239 -3.90 -28.14 1.50
N THR A 240 -5.11 -27.65 1.82
CA THR A 240 -5.80 -26.72 0.91
C THR A 240 -4.96 -25.46 0.72
N LEU A 241 -4.39 -24.96 1.81
CA LEU A 241 -3.52 -23.78 1.71
C LEU A 241 -2.30 -24.03 0.81
N GLN A 242 -1.66 -25.18 0.97
CA GLN A 242 -0.52 -25.54 0.12
C GLN A 242 -0.90 -25.57 -1.36
N THR A 243 -2.03 -26.19 -1.65
CA THR A 243 -2.53 -26.26 -3.02
C THR A 243 -2.83 -24.85 -3.57
N LEU A 244 -3.48 -24.03 -2.76
CA LEU A 244 -3.77 -22.65 -3.17
C LEU A 244 -2.48 -21.88 -3.47
N ILE A 245 -1.49 -22.01 -2.60
CA ILE A 245 -0.22 -21.32 -2.81
C ILE A 245 0.45 -21.75 -4.10
N ASN A 246 0.47 -23.07 -4.36
CA ASN A 246 1.11 -23.52 -5.57
CA ASN A 246 1.00 -23.65 -5.62
C ASN A 246 0.34 -23.00 -6.81
N ASP A 247 -0.99 -22.92 -6.74
CA ASP A 247 -1.75 -22.39 -7.88
C ASP A 247 -1.58 -20.88 -8.03
N ILE A 248 -1.42 -20.17 -6.91
CA ILE A 248 -1.07 -18.74 -6.99
C ILE A 248 0.29 -18.54 -7.65
N HIS A 249 1.29 -19.33 -7.23
CA HIS A 249 2.63 -19.23 -7.79
C HIS A 249 2.75 -19.65 -9.27
N SER A 250 1.85 -20.50 -9.73
CA SER A 250 1.89 -21.01 -11.12
C SER A 250 1.95 -19.88 -12.15
N THR A 251 2.84 -20.05 -13.15
CA THR A 251 2.88 -19.19 -14.35
C THR A 251 2.08 -19.78 -15.50
N ALA A 252 1.51 -20.97 -15.30
CA ALA A 252 0.75 -21.67 -16.34
C ALA A 252 -0.72 -21.22 -16.42
N ASN A 253 -1.20 -20.53 -15.38
CA ASN A 253 -2.63 -20.15 -15.23
C ASN A 253 -2.85 -18.63 -15.13
N GLY A 254 -1.95 -17.87 -15.74
CA GLY A 254 -1.90 -16.42 -15.56
C GLY A 254 -0.49 -16.03 -15.15
N PRO A 255 -0.27 -14.74 -14.87
CA PRO A 255 1.05 -14.35 -14.40
C PRO A 255 1.41 -15.04 -13.09
N LYS A 256 2.71 -15.23 -12.87
CA LYS A 256 3.21 -15.69 -11.58
C LYS A 256 2.61 -14.82 -10.48
N GLY A 257 2.11 -15.45 -9.43
CA GLY A 257 1.46 -14.72 -8.34
C GLY A 257 2.20 -14.83 -7.04
N TYR A 258 1.76 -14.01 -6.08
CA TYR A 258 2.35 -13.91 -4.75
C TYR A 258 1.22 -13.91 -3.73
N LEU A 259 1.48 -14.48 -2.56
CA LEU A 259 0.51 -14.51 -1.47
C LEU A 259 1.08 -13.83 -0.23
N ILE A 260 0.33 -12.87 0.29
CA ILE A 260 0.61 -12.20 1.56
C ILE A 260 -0.47 -12.58 2.57
N LEU A 261 -0.03 -13.09 3.73
CA LEU A 261 -0.95 -13.46 4.81
C LEU A 261 -1.01 -12.37 5.88
N ASP A 262 -2.14 -12.34 6.57
CA ASP A 262 -2.35 -11.41 7.67
C ASP A 262 -1.75 -12.06 8.92
N GLY A 263 -0.73 -11.41 9.48
CA GLY A 263 -0.01 -11.86 10.67
C GLY A 263 -0.51 -11.10 11.86
N VAL A 264 -1.23 -11.78 12.76
CA VAL A 264 -1.92 -11.14 13.88
C VAL A 264 -1.07 -11.44 15.11
N PHE A 265 -0.02 -10.66 15.30
CA PHE A 265 1.04 -10.98 16.25
C PHE A 265 1.01 -10.07 17.48
N ASN A 266 0.18 -9.03 17.51
CA ASN A 266 0.10 -8.17 18.68
C ASN A 266 -0.64 -8.85 19.83
N HIS A 267 -1.59 -9.71 19.49
CA HIS A 267 -2.54 -10.27 20.43
C HIS A 267 -3.03 -11.59 19.89
N THR A 268 -3.54 -12.43 20.80
CA THR A 268 -4.27 -13.63 20.42
C THR A 268 -5.75 -13.38 20.69
N GLY A 269 -6.56 -14.37 20.35
CA GLY A 269 -7.91 -14.45 20.84
C GLY A 269 -7.96 -14.88 22.30
N ASP A 270 -9.06 -14.55 22.96
CA ASP A 270 -9.29 -15.00 24.34
C ASP A 270 -9.54 -16.52 24.46
N SER A 271 -9.80 -17.18 23.34
CA SER A 271 -9.97 -18.65 23.33
CA SER A 271 -9.97 -18.65 23.28
C SER A 271 -8.71 -19.39 22.90
N HIS A 272 -7.59 -18.69 22.71
CA HIS A 272 -6.32 -19.36 22.45
C HIS A 272 -5.96 -20.19 23.70
N PRO A 273 -5.43 -21.42 23.53
CA PRO A 273 -5.04 -22.19 24.75
C PRO A 273 -4.08 -21.47 25.69
N TRP A 274 -3.24 -20.59 25.18
CA TRP A 274 -2.32 -19.85 26.05
C TRP A 274 -3.07 -19.00 27.07
N PHE A 275 -4.28 -18.53 26.70
CA PHE A 275 -5.10 -17.69 27.54
C PHE A 275 -6.27 -18.48 28.14
N ASP A 276 -7.05 -19.11 27.26
CA ASP A 276 -8.12 -20.07 27.56
C ASP A 276 -9.18 -19.53 28.52
N LYS A 277 -9.76 -18.38 28.19
CA LYS A 277 -10.75 -17.73 29.03
C LYS A 277 -12.01 -18.57 29.30
N TYR A 278 -12.39 -19.41 28.34
CA TYR A 278 -13.62 -20.20 28.48
C TYR A 278 -13.36 -21.68 28.77
N ASN A 279 -12.12 -22.01 29.16
CA ASN A 279 -11.72 -23.41 29.44
C ASN A 279 -12.13 -24.36 28.31
N ASN A 280 -11.68 -24.06 27.11
CA ASN A 280 -11.86 -24.93 25.94
C ASN A 280 -10.79 -26.03 25.80
N PHE A 281 -9.77 -26.00 26.67
CA PHE A 281 -8.66 -26.95 26.57
C PHE A 281 -8.36 -27.52 27.94
N SER A 282 -7.87 -28.75 27.95
CA SER A 282 -7.43 -29.39 29.19
C SER A 282 -6.24 -28.66 29.83
N SER A 283 -5.41 -28.03 29.01
CA SER A 283 -4.25 -27.27 29.50
C SER A 283 -4.74 -26.04 30.26
N GLN A 284 -3.89 -25.47 31.11
CA GLN A 284 -4.31 -24.31 31.90
C GLN A 284 -3.71 -23.00 31.34
N GLY A 285 -4.61 -22.16 30.85
CA GLY A 285 -4.21 -20.88 30.23
C GLY A 285 -4.00 -19.79 31.25
N ALA A 286 -3.46 -18.66 30.78
CA ALA A 286 -3.12 -17.54 31.65
C ALA A 286 -4.31 -16.97 32.39
N TYR A 287 -5.47 -16.96 31.74
CA TYR A 287 -6.70 -16.49 32.39
C TYR A 287 -7.12 -17.42 33.54
N GLU A 288 -6.83 -18.70 33.40
CA GLU A 288 -7.27 -19.74 34.35
C GLU A 288 -6.44 -19.81 35.62
N SER A 289 -5.14 -19.52 35.52
CA SER A 289 -4.26 -19.59 36.70
C SER A 289 -3.03 -18.72 36.55
N GLN A 290 -2.61 -18.09 37.65
CA GLN A 290 -1.37 -17.35 37.68
C GLN A 290 -0.12 -18.24 37.65
N SER A 291 -0.33 -19.56 37.74
CA SER A 291 0.74 -20.54 37.60
C SER A 291 0.72 -21.24 36.23
N SER A 292 -0.11 -20.75 35.30
CA SER A 292 -0.18 -21.30 33.95
C SER A 292 1.18 -21.39 33.27
N PRO A 293 1.41 -22.45 32.45
CA PRO A 293 2.63 -22.50 31.63
C PRO A 293 2.84 -21.25 30.76
N TRP A 294 1.77 -20.54 30.44
CA TRP A 294 1.84 -19.38 29.56
C TRP A 294 1.43 -18.11 30.28
N TYR A 295 1.51 -18.08 31.61
CA TYR A 295 1.11 -16.88 32.35
C TYR A 295 1.81 -15.61 31.88
N ASN A 296 3.12 -15.72 31.63
CA ASN A 296 3.96 -14.58 31.22
CA ASN A 296 3.94 -14.56 31.23
C ASN A 296 3.81 -14.19 29.75
N TYR A 297 2.93 -14.88 29.01
CA TYR A 297 2.65 -14.52 27.60
C TYR A 297 1.74 -13.30 27.53
N TYR A 298 1.14 -12.88 28.64
CA TYR A 298 0.19 -11.79 28.67
C TYR A 298 0.54 -10.82 29.79
N THR A 299 -0.21 -9.73 29.89
CA THR A 299 0.01 -8.68 30.90
C THR A 299 -1.28 -8.41 31.62
N PHE A 300 -1.32 -8.76 32.91
CA PHE A 300 -2.49 -8.51 33.74
C PHE A 300 -2.22 -7.30 34.64
N TYR A 301 -3.19 -6.41 34.67
CA TYR A 301 -3.15 -5.26 35.57
C TYR A 301 -3.79 -5.69 36.89
N THR A 302 -4.96 -6.31 36.80
CA THR A 302 -5.56 -7.02 37.93
C THR A 302 -6.06 -8.37 37.41
N TRP A 303 -5.33 -9.44 37.72
CA TRP A 303 -5.69 -10.78 37.25
C TRP A 303 -7.02 -11.22 37.88
N PRO A 304 -7.93 -11.88 37.15
CA PRO A 304 -7.79 -12.29 35.74
C PRO A 304 -8.51 -11.41 34.73
N ASP A 305 -9.33 -10.46 35.17
CA ASP A 305 -10.25 -9.80 34.24
C ASP A 305 -9.79 -8.45 33.69
N SER A 306 -8.71 -7.90 34.23
CA SER A 306 -8.13 -6.65 33.74
C SER A 306 -6.74 -6.90 33.18
N TYR A 307 -6.62 -6.86 31.85
CA TYR A 307 -5.38 -7.19 31.14
C TYR A 307 -5.18 -6.32 29.90
N ALA A 308 -3.95 -6.23 29.43
CA ALA A 308 -3.63 -5.52 28.19
C ALA A 308 -4.32 -6.20 27.02
N SER A 309 -4.85 -5.40 26.10
CA SER A 309 -5.60 -5.91 24.96
C SER A 309 -5.47 -4.98 23.79
N PHE A 310 -5.91 -5.45 22.64
CA PHE A 310 -6.06 -4.58 21.48
C PHE A 310 -7.25 -3.64 21.68
N LEU A 311 -6.94 -2.36 21.87
CA LEU A 311 -7.95 -1.27 21.93
C LEU A 311 -9.02 -1.38 23.01
N GLY A 312 -8.80 -2.25 24.00
CA GLY A 312 -9.80 -2.51 25.02
C GLY A 312 -10.75 -3.66 24.74
N PHE A 313 -10.61 -4.35 23.60
CA PHE A 313 -11.41 -5.55 23.34
C PHE A 313 -10.89 -6.71 24.20
N ASN A 314 -11.69 -7.13 25.17
CA ASN A 314 -11.29 -8.23 26.06
C ASN A 314 -11.10 -9.55 25.32
N SER A 315 -11.70 -9.68 24.13
CA SER A 315 -11.49 -10.86 23.31
C SER A 315 -10.11 -10.95 22.64
N LEU A 316 -9.29 -9.90 22.77
CA LEU A 316 -8.02 -9.77 22.07
C LEU A 316 -6.88 -9.45 23.03
N PRO A 317 -6.57 -10.39 23.95
CA PRO A 317 -5.50 -10.15 24.92
C PRO A 317 -4.12 -9.98 24.25
N LYS A 318 -3.38 -8.98 24.72
CA LYS A 318 -2.13 -8.55 24.10
C LYS A 318 -0.95 -9.42 24.54
N LEU A 319 -0.15 -9.86 23.58
CA LEU A 319 1.04 -10.68 23.86
C LEU A 319 2.15 -9.86 24.48
N ASN A 320 2.77 -10.44 25.50
CA ASN A 320 3.94 -9.89 26.17
C ASN A 320 5.18 -10.47 25.52
N TYR A 321 5.87 -9.67 24.72
CA TYR A 321 7.06 -10.12 24.02
C TYR A 321 8.33 -10.16 24.89
N GLY A 322 8.24 -9.65 26.12
CA GLY A 322 9.40 -9.63 27.01
C GLY A 322 10.58 -8.99 26.30
N ASN A 323 11.76 -9.54 26.55
CA ASN A 323 13.01 -9.08 25.94
C ASN A 323 13.57 -10.13 25.01
N SER A 324 14.66 -9.80 24.31
CA SER A 324 15.22 -10.67 23.30
C SER A 324 15.42 -12.08 23.83
N GLY A 325 15.09 -13.06 23.00
CA GLY A 325 15.23 -14.47 23.35
C GLY A 325 14.08 -15.05 24.15
N SER A 326 13.02 -14.27 24.36
CA SER A 326 11.87 -14.72 25.15
C SER A 326 11.11 -15.82 24.43
N ALA A 327 10.32 -16.57 25.21
CA ALA A 327 9.49 -17.62 24.63
C ALA A 327 8.51 -17.08 23.58
N VAL A 328 7.90 -15.92 23.86
CA VAL A 328 6.96 -15.31 22.90
C VAL A 328 7.65 -14.88 21.61
N ARG A 329 8.79 -14.20 21.72
CA ARG A 329 9.56 -13.89 20.50
C ARG A 329 9.93 -15.16 19.72
N GLY A 330 10.21 -16.24 20.47
CA GLY A 330 10.51 -17.53 19.89
C GLY A 330 9.37 -18.10 19.07
N VAL A 331 8.21 -18.20 19.71
CA VAL A 331 7.07 -18.85 19.03
C VAL A 331 6.55 -18.02 17.85
N ILE A 332 6.61 -16.69 17.96
CA ILE A 332 6.14 -15.82 16.86
C ILE A 332 7.13 -15.77 15.69
N TYR A 333 8.43 -15.58 15.98
CA TYR A 333 9.40 -15.48 14.88
C TYR A 333 10.76 -16.14 15.02
N ASN A 334 11.38 -16.19 16.20
CA ASN A 334 12.78 -16.67 16.26
C ASN A 334 12.95 -18.17 16.03
N ASN A 335 12.07 -18.97 16.61
CA ASN A 335 12.27 -20.43 16.58
C ASN A 335 12.27 -20.93 15.14
N SER A 336 13.02 -21.99 14.86
CA SER A 336 13.03 -22.53 13.49
C SER A 336 11.63 -22.87 12.97
N ASN A 337 10.73 -23.26 13.88
CA ASN A 337 9.33 -23.57 13.59
C ASN A 337 8.36 -22.48 14.08
N SER A 338 8.83 -21.24 14.17
CA SER A 338 7.97 -20.12 14.58
C SER A 338 6.81 -19.93 13.60
N VAL A 339 5.82 -19.16 14.01
CA VAL A 339 4.70 -18.86 13.10
C VAL A 339 5.21 -18.15 11.84
N ALA A 340 6.03 -17.13 12.03
CA ALA A 340 6.48 -16.32 10.89
C ALA A 340 7.30 -17.14 9.91
N LYS A 341 8.17 -18.01 10.42
CA LYS A 341 9.03 -18.84 9.57
C LYS A 341 8.28 -20.01 8.94
N THR A 342 7.38 -20.63 9.69
CA THR A 342 6.64 -21.81 9.22
C THR A 342 6.01 -21.55 7.87
N TYR A 343 5.32 -20.43 7.74
CA TYR A 343 4.62 -20.16 6.50
C TYR A 343 5.52 -19.63 5.39
N LEU A 344 6.70 -19.12 5.75
CA LEU A 344 7.68 -18.68 4.75
C LEU A 344 8.53 -19.83 4.21
N ASN A 345 8.63 -20.92 4.98
CA ASN A 345 9.39 -22.11 4.54
C ASN A 345 8.50 -23.06 3.75
N PRO A 346 9.13 -23.94 2.94
CA PRO A 346 8.36 -25.05 2.40
C PRO A 346 7.74 -25.85 3.54
N PRO A 347 6.56 -26.44 3.38
CA PRO A 347 5.85 -26.58 2.10
C PRO A 347 4.83 -25.46 1.82
N TYR A 348 4.95 -24.33 2.51
CA TYR A 348 4.07 -23.18 2.30
C TYR A 348 4.72 -22.17 1.36
N SER A 349 5.84 -21.58 1.77
CA SER A 349 6.57 -20.61 0.96
C SER A 349 5.70 -19.41 0.54
N VAL A 350 4.96 -18.85 1.49
CA VAL A 350 4.20 -17.62 1.20
C VAL A 350 5.16 -16.46 0.99
N ASP A 351 4.65 -15.37 0.45
CA ASP A 351 5.47 -14.28 -0.05
C ASP A 351 5.51 -13.05 0.83
N GLY A 352 4.79 -13.05 1.94
CA GLY A 352 4.83 -11.90 2.83
C GLY A 352 3.84 -11.96 3.97
N TRP A 353 4.03 -11.02 4.89
CA TRP A 353 3.17 -10.81 6.03
C TRP A 353 2.70 -9.36 6.06
N ARG A 354 1.39 -9.20 6.22
CA ARG A 354 0.78 -7.92 6.59
C ARG A 354 0.62 -7.94 8.11
N LEU A 355 1.23 -6.97 8.78
CA LEU A 355 1.33 -6.99 10.26
C LEU A 355 0.15 -6.25 10.90
N ASP A 356 -0.81 -7.01 11.38
CA ASP A 356 -1.95 -6.42 12.08
C ASP A 356 -1.51 -5.68 13.34
N ALA A 357 -2.09 -4.50 13.57
CA ALA A 357 -1.95 -3.78 14.84
C ALA A 357 -0.48 -3.55 15.20
N ALA A 358 0.34 -3.30 14.18
CA ALA A 358 1.78 -3.36 14.36
C ALA A 358 2.38 -2.25 15.21
N GLN A 359 1.70 -1.12 15.33
CA GLN A 359 2.25 -0.01 16.11
C GLN A 359 2.38 -0.35 17.58
N TYR A 360 1.65 -1.37 18.05
CA TYR A 360 1.65 -1.74 19.47
C TYR A 360 2.77 -2.72 19.81
N VAL A 361 3.57 -3.12 18.84
CA VAL A 361 4.74 -3.98 19.01
C VAL A 361 5.95 -3.10 18.77
N ASP A 362 6.93 -3.15 19.66
CA ASP A 362 7.99 -2.15 19.62
C ASP A 362 8.95 -2.32 18.46
N HIS A 363 9.88 -1.16 18.20
CA HIS A 363 10.75 -1.12 17.06
C HIS A 363 11.83 -2.18 17.11
N GLN A 364 12.29 -2.52 18.32
CA GLN A 364 13.28 -3.59 18.46
C GLN A 364 12.73 -4.93 17.95
N ILE A 365 11.51 -5.25 18.36
CA ILE A 365 10.86 -6.49 17.94
C ILE A 365 10.72 -6.51 16.42
N TRP A 366 10.25 -5.41 15.81
CA TRP A 366 10.12 -5.40 14.36
C TRP A 366 11.47 -5.51 13.65
N SER A 367 12.54 -5.01 14.25
CA SER A 367 13.88 -5.16 13.65
CA SER A 367 13.86 -5.17 13.62
C SER A 367 14.32 -6.63 13.68
N GLU A 368 14.09 -7.29 14.82
CA GLU A 368 14.40 -8.72 14.92
C GLU A 368 13.54 -9.55 13.96
N PHE A 369 12.27 -9.16 13.83
CA PHE A 369 11.34 -9.83 12.95
C PHE A 369 11.79 -9.73 11.49
N ARG A 370 12.24 -8.55 11.08
CA ARG A 370 12.77 -8.40 9.73
C ARG A 370 13.90 -9.39 9.48
N ASN A 371 14.83 -9.47 10.42
CA ASN A 371 15.96 -10.40 10.26
C ASN A 371 15.49 -11.86 10.12
N ALA A 372 14.49 -12.23 10.91
CA ALA A 372 13.93 -13.58 10.87
C ALA A 372 13.28 -13.87 9.51
N VAL A 373 12.46 -12.95 9.04
CA VAL A 373 11.75 -13.09 7.77
C VAL A 373 12.70 -13.11 6.57
N LYS A 374 13.58 -12.10 6.52
CA LYS A 374 14.46 -11.94 5.37
C LYS A 374 15.53 -13.02 5.34
N GLY A 375 15.85 -13.59 6.50
CA GLY A 375 16.77 -14.73 6.56
C GLY A 375 16.21 -15.98 5.91
N VAL A 376 14.88 -16.15 5.95
CA VAL A 376 14.23 -17.26 5.24
C VAL A 376 14.09 -16.90 3.74
N ASN A 377 13.60 -15.68 3.46
CA ASN A 377 13.33 -15.28 2.09
C ASN A 377 13.49 -13.77 1.99
N SER A 378 14.57 -13.31 1.38
CA SER A 378 14.82 -11.86 1.28
C SER A 378 13.79 -11.19 0.39
N ASN A 379 13.06 -11.96 -0.42
CA ASN A 379 12.00 -11.39 -1.24
C ASN A 379 10.60 -11.63 -0.69
N ALA A 380 10.50 -11.89 0.62
CA ALA A 380 9.21 -11.92 1.31
C ALA A 380 8.94 -10.51 1.82
N ALA A 381 7.73 -10.01 1.57
CA ALA A 381 7.36 -8.64 1.93
C ALA A 381 6.92 -8.52 3.38
N ILE A 382 7.20 -7.37 3.98
CA ILE A 382 6.70 -7.03 5.31
C ILE A 382 5.96 -5.72 5.20
N ILE A 383 4.64 -5.73 5.37
CA ILE A 383 3.82 -4.53 5.25
C ILE A 383 3.10 -4.32 6.57
N GLY A 384 3.42 -3.25 7.30
CA GLY A 384 2.77 -3.01 8.58
C GLY A 384 1.47 -2.25 8.49
N GLU A 385 0.54 -2.57 9.39
CA GLU A 385 -0.67 -1.76 9.53
C GLU A 385 -0.36 -0.54 10.36
N TYR A 386 -0.55 0.63 9.77
CA TYR A 386 -0.48 1.91 10.47
C TYR A 386 -1.31 2.90 9.70
N TRP A 387 -2.07 3.74 10.41
CA TRP A 387 -3.03 4.64 9.74
C TRP A 387 -2.50 6.06 9.55
N GLY A 388 -1.31 6.34 10.10
CA GLY A 388 -0.64 7.62 9.97
C GLY A 388 0.65 7.51 9.16
N ASN A 389 1.58 8.37 9.52
CA ASN A 389 2.89 8.42 8.91
C ASN A 389 3.73 7.29 9.46
N ALA A 390 4.00 6.28 8.61
CA ALA A 390 4.75 5.08 9.04
C ALA A 390 6.27 5.20 8.94
N ASN A 391 6.77 6.43 8.79
CA ASN A 391 8.22 6.69 8.79
C ASN A 391 8.99 5.96 9.91
N PRO A 392 8.48 5.96 11.15
CA PRO A 392 9.25 5.30 12.21
C PRO A 392 9.51 3.81 12.03
N TRP A 393 8.74 3.11 11.18
CA TRP A 393 8.93 1.68 10.95
C TRP A 393 9.47 1.39 9.55
N THR A 394 9.80 2.41 8.78
CA THR A 394 10.24 2.23 7.39
C THR A 394 11.53 2.95 7.03
N ALA A 395 11.78 4.13 7.57
CA ALA A 395 12.78 5.04 7.01
C ALA A 395 14.23 4.79 7.46
N GLN A 396 14.47 3.73 8.23
CA GLN A 396 15.85 3.28 8.48
C GLN A 396 16.17 1.94 7.85
N GLY A 397 15.22 1.35 7.13
CA GLY A 397 15.48 0.13 6.37
C GLY A 397 15.67 -1.11 7.22
N ASN A 398 15.25 -1.04 8.48
CA ASN A 398 15.50 -2.13 9.45
C ASN A 398 14.25 -2.80 9.98
N GLN A 399 13.08 -2.43 9.47
CA GLN A 399 11.81 -2.96 10.02
C GLN A 399 10.90 -3.36 8.87
N TRP A 400 9.93 -2.53 8.52
CA TRP A 400 8.97 -2.92 7.47
C TRP A 400 9.46 -2.49 6.09
N ASP A 401 8.97 -3.15 5.06
CA ASP A 401 9.18 -2.70 3.68
C ASP A 401 8.24 -1.53 3.33
N ALA A 402 7.06 -1.52 3.93
CA ALA A 402 6.02 -0.55 3.57
C ALA A 402 4.90 -0.65 4.61
N ALA A 403 3.84 0.13 4.38
CA ALA A 403 2.68 0.15 5.28
C ALA A 403 1.38 0.26 4.50
N THR A 404 0.28 -0.01 5.21
CA THR A 404 -1.06 0.26 4.72
C THR A 404 -1.19 1.78 4.53
N ASN A 405 -1.42 2.23 3.31
CA ASN A 405 -1.30 3.68 3.02
C ASN A 405 -2.59 4.47 3.26
N PHE A 406 -3.17 4.33 4.44
CA PHE A 406 -4.33 5.14 4.81
C PHE A 406 -4.05 6.64 4.66
N ASP A 407 -2.91 7.09 5.16
CA ASP A 407 -2.63 8.53 5.27
C ASP A 407 -2.16 9.12 3.94
N GLY A 408 -1.39 8.35 3.16
CA GLY A 408 -0.85 8.85 1.89
C GLY A 408 -1.69 8.51 0.67
N PHE A 409 -2.77 7.78 0.84
CA PHE A 409 -3.56 7.32 -0.29
C PHE A 409 -5.05 7.30 0.02
N THR A 410 -5.48 6.41 0.92
CA THR A 410 -6.91 6.18 1.08
C THR A 410 -7.64 7.46 1.50
N GLN A 411 -7.12 8.15 2.51
CA GLN A 411 -7.76 9.37 3.00
C GLN A 411 -7.79 10.52 1.99
N PRO A 412 -6.63 10.92 1.42
CA PRO A 412 -6.71 12.06 0.50
C PRO A 412 -7.55 11.74 -0.73
N VAL A 413 -7.46 10.52 -1.25
CA VAL A 413 -8.33 10.13 -2.36
C VAL A 413 -9.80 10.23 -1.97
N SER A 414 -10.15 9.72 -0.80
CA SER A 414 -11.52 9.80 -0.33
C SER A 414 -12.03 11.24 -0.28
N GLU A 415 -11.25 12.10 0.37
CA GLU A 415 -11.70 13.48 0.62
C GLU A 415 -11.76 14.28 -0.66
N TRP A 416 -10.85 14.02 -1.60
CA TRP A 416 -10.86 14.74 -2.88
C TRP A 416 -12.06 14.33 -3.74
N ILE A 417 -12.25 13.03 -3.93
CA ILE A 417 -13.27 12.54 -4.86
C ILE A 417 -14.66 12.49 -4.27
N THR A 418 -14.78 12.02 -3.02
CA THR A 418 -16.10 11.79 -2.43
C THR A 418 -16.56 12.91 -1.52
N GLY A 419 -15.63 13.76 -1.03
CA GLY A 419 -15.98 14.75 -0.04
C GLY A 419 -16.21 14.19 1.34
N LYS A 420 -15.81 12.92 1.54
CA LYS A 420 -15.93 12.23 2.83
CA LYS A 420 -15.94 12.22 2.82
C LYS A 420 -14.56 11.72 3.23
N ASP A 421 -14.34 11.61 4.53
CA ASP A 421 -13.19 10.84 5.01
C ASP A 421 -13.52 9.34 4.82
N TYR A 422 -12.55 8.46 5.09
CA TYR A 422 -12.82 7.02 4.83
C TYR A 422 -13.81 6.39 5.79
N GLN A 423 -14.19 7.08 6.88
CA GLN A 423 -15.28 6.64 7.74
C GLN A 423 -16.65 7.18 7.31
N ASN A 424 -16.68 7.88 6.17
CA ASN A 424 -17.90 8.48 5.62
C ASN A 424 -18.41 9.67 6.45
N ASN A 425 -17.51 10.35 7.17
CA ASN A 425 -17.79 11.69 7.78
C ASN A 425 -17.50 12.72 6.74
N SER A 426 -18.24 13.83 6.75
CA SER A 426 -17.97 14.91 5.82
C SER A 426 -16.57 15.50 6.00
N ALA A 427 -15.80 15.52 4.92
CA ALA A 427 -14.44 16.08 4.91
C ALA A 427 -13.99 16.15 3.46
N SER A 428 -13.94 17.36 2.90
CA SER A 428 -13.64 17.58 1.48
C SER A 428 -12.37 18.38 1.34
N ILE A 429 -11.61 18.09 0.30
CA ILE A 429 -10.42 18.87 -0.03
C ILE A 429 -10.41 19.24 -1.49
N SER A 430 -9.78 20.37 -1.77
CA SER A 430 -9.62 20.84 -3.13
C SER A 430 -8.49 20.10 -3.84
N THR A 431 -8.37 20.34 -5.14
CA THR A 431 -7.29 19.74 -5.92
C THR A 431 -5.90 20.18 -5.44
N THR A 432 -5.72 21.47 -5.16
CA THR A 432 -4.44 21.94 -4.63
C THR A 432 -4.13 21.27 -3.29
N GLN A 433 -5.14 21.16 -2.43
CA GLN A 433 -4.96 20.46 -1.16
C GLN A 433 -4.63 18.97 -1.34
N PHE A 434 -5.32 18.31 -2.26
CA PHE A 434 -5.05 16.89 -2.60
C PHE A 434 -3.58 16.72 -3.01
N ASP A 435 -3.13 17.55 -3.95
CA ASP A 435 -1.75 17.47 -4.43
C ASP A 435 -0.73 17.70 -3.32
N SER A 436 -0.99 18.69 -2.47
CA SER A 436 -0.11 19.00 -1.35
CA SER A 436 -0.10 18.99 -1.36
C SER A 436 -0.05 17.82 -0.35
N TRP A 437 -1.21 17.25 -0.05
CA TRP A 437 -1.32 16.13 0.89
C TRP A 437 -0.52 14.95 0.34
N LEU A 438 -0.69 14.65 -0.95
CA LEU A 438 0.05 13.57 -1.57
C LEU A 438 1.56 13.81 -1.52
N ARG A 439 2.01 15.04 -1.82
CA ARG A 439 3.45 15.33 -1.84
C ARG A 439 4.07 15.15 -0.44
N GLY A 440 3.40 15.72 0.56
CA GLY A 440 3.94 15.64 1.93
C GLY A 440 4.00 14.22 2.45
N THR A 441 3.03 13.40 2.08
CA THR A 441 3.01 12.01 2.52
C THR A 441 4.02 11.17 1.78
N ARG A 442 4.20 11.35 0.46
CA ARG A 442 5.32 10.68 -0.22
C ARG A 442 6.66 11.02 0.45
N ALA A 443 6.83 12.29 0.80
CA ALA A 443 8.09 12.79 1.35
C ALA A 443 8.38 12.21 2.74
N ASN A 444 7.38 11.60 3.38
CA ASN A 444 7.60 10.87 4.62
C ASN A 444 8.49 9.64 4.45
N TYR A 445 8.64 9.16 3.22
CA TYR A 445 9.16 7.82 2.99
C TYR A 445 10.32 7.82 2.00
N PRO A 446 11.26 6.89 2.20
CA PRO A 446 12.21 6.55 1.15
C PRO A 446 11.47 6.14 -0.12
N THR A 447 12.11 6.31 -1.27
CA THR A 447 11.45 6.07 -2.55
C THR A 447 11.01 4.63 -2.70
N ASN A 448 11.88 3.69 -2.35
CA ASN A 448 11.50 2.28 -2.46
C ASN A 448 10.27 1.92 -1.62
N VAL A 449 10.17 2.54 -0.44
CA VAL A 449 9.03 2.37 0.45
C VAL A 449 7.80 2.99 -0.20
N GLN A 450 7.91 4.20 -0.74
CA GLN A 450 6.77 4.82 -1.45
C GLN A 450 6.21 3.87 -2.51
N GLN A 451 7.11 3.27 -3.27
CA GLN A 451 6.75 2.40 -4.39
C GLN A 451 6.13 1.07 -3.97
N SER A 452 6.26 0.75 -2.68
CA SER A 452 5.81 -0.49 -2.08
C SER A 452 4.62 -0.33 -1.14
N MET A 453 4.10 0.89 -1.00
CA MET A 453 2.97 1.14 -0.10
C MET A 453 1.71 0.42 -0.61
N MET A 454 0.89 -0.06 0.33
CA MET A 454 -0.34 -0.74 -0.02
C MET A 454 -1.46 0.31 -0.18
N ASN A 455 -1.80 0.59 -1.43
CA ASN A 455 -2.70 1.70 -1.81
C ASN A 455 -4.08 1.17 -2.17
N PHE A 456 -4.99 1.15 -1.19
CA PHE A 456 -6.34 0.65 -1.38
C PHE A 456 -7.37 1.77 -1.28
N LEU A 457 -8.47 1.63 -2.02
CA LEU A 457 -9.57 2.60 -1.93
C LEU A 457 -10.41 2.39 -0.67
N SER A 458 -10.54 1.13 -0.26
CA SER A 458 -11.35 0.69 0.87
C SER A 458 -10.64 -0.49 1.51
N ASN A 459 -11.05 -0.83 2.72
CA ASN A 459 -10.64 -2.11 3.32
C ASN A 459 -11.65 -2.53 4.37
N HIS A 460 -11.35 -3.62 5.06
CA HIS A 460 -12.28 -4.24 6.01
C HIS A 460 -12.53 -3.43 7.29
N ASP A 461 -11.81 -2.32 7.48
CA ASP A 461 -11.96 -1.48 8.68
C ASP A 461 -12.46 -0.08 8.40
N ILE A 462 -12.86 0.19 7.16
CA ILE A 462 -13.39 1.51 6.76
C ILE A 462 -14.61 1.31 5.85
N THR A 463 -15.34 2.40 5.56
CA THR A 463 -16.51 2.28 4.70
C THR A 463 -16.10 2.06 3.25
N ARG A 464 -16.97 1.45 2.47
CA ARG A 464 -16.68 1.20 1.04
C ARG A 464 -16.64 2.50 0.26
N PHE A 465 -15.69 2.57 -0.67
CA PHE A 465 -15.55 3.74 -1.55
C PHE A 465 -16.86 4.04 -2.27
N ALA A 466 -17.54 3.02 -2.79
CA ALA A 466 -18.79 3.25 -3.54
C ALA A 466 -19.93 3.77 -2.69
N THR A 467 -19.90 3.51 -1.40
CA THR A 467 -20.85 4.13 -0.47
C THR A 467 -20.49 5.58 -0.19
N ARG A 468 -19.22 5.87 0.05
CA ARG A 468 -18.77 7.25 0.21
C ARG A 468 -19.09 8.08 -1.04
N SER A 469 -19.03 7.44 -2.20
CA SER A 469 -19.32 8.12 -3.46
CA SER A 469 -19.32 8.05 -3.50
C SER A 469 -20.82 8.26 -3.76
N GLY A 470 -21.68 7.83 -2.84
CA GLY A 470 -23.13 7.95 -3.06
C GLY A 470 -23.64 7.09 -4.20
N GLY A 471 -22.92 6.02 -4.54
CA GLY A 471 -23.34 5.12 -5.62
C GLY A 471 -23.02 5.58 -7.04
N ASP A 472 -22.28 6.68 -7.19
CA ASP A 472 -21.89 7.17 -8.51
C ASP A 472 -20.67 6.38 -8.96
N LEU A 473 -20.86 5.45 -9.89
CA LEU A 473 -19.75 4.58 -10.30
C LEU A 473 -18.63 5.35 -10.99
N TRP A 474 -18.94 6.53 -11.55
CA TRP A 474 -17.88 7.32 -12.18
C TRP A 474 -16.87 7.83 -11.16
N LYS A 475 -17.29 8.06 -9.92
CA LYS A 475 -16.33 8.35 -8.88
C LYS A 475 -15.35 7.19 -8.64
N THR A 476 -15.84 5.95 -8.76
CA THR A 476 -14.95 4.78 -8.74
C THR A 476 -14.02 4.77 -9.95
N TYR A 477 -14.54 5.09 -11.14
CA TYR A 477 -13.66 5.16 -12.31
C TYR A 477 -12.49 6.11 -12.07
N LEU A 478 -12.80 7.32 -11.59
CA LEU A 478 -11.78 8.32 -11.35
C LEU A 478 -10.76 7.79 -10.33
N ALA A 479 -11.26 7.23 -9.24
CA ALA A 479 -10.39 6.69 -8.19
C ALA A 479 -9.48 5.57 -8.74
N LEU A 480 -10.03 4.72 -9.60
CA LEU A 480 -9.24 3.64 -10.21
C LEU A 480 -8.15 4.17 -11.13
N ILE A 481 -8.47 5.18 -11.93
CA ILE A 481 -7.46 5.75 -12.82
C ILE A 481 -6.32 6.34 -12.00
N PHE A 482 -6.63 7.07 -10.93
CA PHE A 482 -5.59 7.58 -10.04
C PHE A 482 -4.81 6.42 -9.42
N GLN A 483 -5.53 5.48 -8.82
CA GLN A 483 -4.92 4.36 -8.11
C GLN A 483 -3.91 3.62 -9.02
N MET A 484 -4.31 3.38 -10.26
CA MET A 484 -3.52 2.53 -11.14
C MET A 484 -2.38 3.28 -11.82
N THR A 485 -2.29 4.59 -11.61
CA THR A 485 -1.20 5.40 -12.17
C THR A 485 -0.38 6.12 -11.10
N TYR A 486 -0.64 5.83 -9.82
CA TYR A 486 0.07 6.48 -8.72
C TYR A 486 1.27 5.65 -8.23
N VAL A 487 2.00 6.21 -7.25
CA VAL A 487 3.18 5.64 -6.62
C VAL A 487 2.73 4.75 -5.48
N GLY A 488 3.09 3.47 -5.56
CA GLY A 488 2.69 2.47 -4.58
C GLY A 488 1.87 1.37 -5.22
N THR A 489 1.79 0.22 -4.54
CA THR A 489 1.10 -0.94 -5.06
C THR A 489 -0.41 -0.73 -5.09
N PRO A 490 -1.03 -0.66 -6.27
CA PRO A 490 -2.50 -0.64 -6.29
C PRO A 490 -3.07 -1.87 -5.62
N THR A 491 -4.00 -1.67 -4.70
CA THR A 491 -4.57 -2.76 -3.91
C THR A 491 -6.08 -2.65 -3.98
N ILE A 492 -6.70 -3.69 -4.52
CA ILE A 492 -8.13 -3.72 -4.74
C ILE A 492 -8.77 -4.52 -3.62
N TYR A 493 -9.58 -3.88 -2.80
CA TYR A 493 -10.35 -4.59 -1.79
C TYR A 493 -11.51 -5.27 -2.48
N TYR A 494 -11.63 -6.59 -2.32
CA TYR A 494 -12.53 -7.45 -3.11
C TYR A 494 -13.90 -6.80 -3.26
N GLY A 495 -14.32 -6.59 -4.50
CA GLY A 495 -15.61 -5.96 -4.78
C GLY A 495 -15.51 -4.51 -5.22
N ASP A 496 -14.48 -3.79 -4.78
CA ASP A 496 -14.33 -2.38 -5.20
C ASP A 496 -14.24 -2.24 -6.73
N GLU A 497 -13.70 -3.27 -7.38
CA GLU A 497 -13.56 -3.24 -8.84
C GLU A 497 -14.88 -3.26 -9.59
N TYR A 498 -15.98 -3.66 -8.95
CA TYR A 498 -17.29 -3.63 -9.60
C TYR A 498 -18.23 -2.58 -9.01
N GLY A 499 -17.78 -1.86 -7.99
CA GLY A 499 -18.60 -0.88 -7.29
C GLY A 499 -19.34 -1.39 -6.07
N MET A 500 -18.85 -2.44 -5.40
CA MET A 500 -19.52 -2.94 -4.19
C MET A 500 -19.68 -1.83 -3.17
N GLN A 501 -20.87 -1.76 -2.60
CA GLN A 501 -21.18 -0.78 -1.57
C GLN A 501 -21.03 -1.40 -0.18
N GLY A 502 -21.10 -0.55 0.85
CA GLY A 502 -21.02 -1.01 2.23
C GLY A 502 -20.65 0.11 3.16
N GLY A 503 -21.33 0.17 4.30
CA GLY A 503 -20.98 1.10 5.35
C GLY A 503 -19.92 0.57 6.27
N ALA A 504 -20.02 0.91 7.54
CA ALA A 504 -19.06 0.46 8.53
C ALA A 504 -19.17 -1.04 8.81
N ASP A 505 -18.05 -1.65 9.19
CA ASP A 505 -17.98 -3.02 9.71
C ASP A 505 -19.25 -3.35 10.53
N PRO A 506 -20.03 -4.38 10.17
CA PRO A 506 -19.68 -5.48 9.24
C PRO A 506 -20.06 -5.25 7.79
N ASP A 507 -20.71 -4.13 7.48
CA ASP A 507 -21.28 -3.92 6.16
C ASP A 507 -20.24 -3.62 5.05
N ASN A 508 -18.99 -3.44 5.46
CA ASN A 508 -17.86 -3.35 4.52
C ASN A 508 -17.31 -4.74 4.14
N ARG A 509 -17.94 -5.81 4.63
CA ARG A 509 -17.54 -7.18 4.36
C ARG A 509 -18.72 -7.95 3.73
N ARG A 510 -19.42 -7.33 2.80
CA ARG A 510 -20.49 -8.02 2.09
C ARG A 510 -19.97 -9.19 1.27
N SER A 511 -20.84 -10.18 1.06
CA SER A 511 -20.52 -11.28 0.17
C SER A 511 -20.45 -10.76 -1.28
N PHE A 512 -19.49 -11.26 -2.03
CA PHE A 512 -19.21 -10.78 -3.38
C PHE A 512 -20.26 -11.27 -4.35
N ASP A 513 -20.78 -10.35 -5.17
CA ASP A 513 -21.80 -10.66 -6.17
C ASP A 513 -21.13 -11.08 -7.47
N TRP A 514 -21.05 -12.40 -7.69
CA TRP A 514 -20.38 -12.96 -8.85
C TRP A 514 -21.03 -12.63 -10.19
N SER A 515 -22.29 -12.17 -10.19
CA SER A 515 -22.89 -11.69 -11.45
C SER A 515 -22.18 -10.44 -12.00
N GLN A 516 -21.48 -9.73 -11.13
CA GLN A 516 -20.79 -8.50 -11.50
C GLN A 516 -19.33 -8.69 -11.90
N ALA A 517 -18.83 -9.92 -11.83
CA ALA A 517 -17.41 -10.21 -12.01
C ALA A 517 -17.06 -10.49 -13.46
N THR A 518 -17.52 -9.62 -14.36
CA THR A 518 -17.25 -9.77 -15.79
C THR A 518 -17.03 -8.38 -16.38
N PRO A 519 -16.39 -8.30 -17.56
CA PRO A 519 -16.24 -7.00 -18.20
C PRO A 519 -17.54 -6.34 -18.67
N SER A 520 -18.68 -7.02 -18.62
CA SER A 520 -19.97 -6.35 -18.78
C SER A 520 -20.28 -5.33 -17.67
N ASN A 521 -19.62 -5.47 -16.51
CA ASN A 521 -19.66 -4.43 -15.50
C ASN A 521 -18.58 -3.43 -15.93
N SER A 522 -18.99 -2.18 -16.09
CA SER A 522 -18.07 -1.19 -16.64
C SER A 522 -16.88 -0.87 -15.73
N ALA A 523 -17.03 -1.02 -14.41
CA ALA A 523 -15.92 -0.80 -13.51
C ALA A 523 -14.90 -1.95 -13.64
N VAL A 524 -15.38 -3.18 -13.82
CA VAL A 524 -14.48 -4.31 -14.03
C VAL A 524 -13.70 -4.14 -15.34
N ALA A 525 -14.39 -3.72 -16.40
CA ALA A 525 -13.73 -3.49 -17.68
C ALA A 525 -12.63 -2.43 -17.54
N LEU A 526 -12.93 -1.34 -16.84
CA LEU A 526 -11.92 -0.29 -16.67
C LEU A 526 -10.75 -0.79 -15.79
N THR A 527 -11.07 -1.56 -14.75
CA THR A 527 -10.02 -2.12 -13.87
C THR A 527 -9.02 -2.96 -14.68
N GLN A 528 -9.55 -3.84 -15.52
CA GLN A 528 -8.70 -4.68 -16.35
C GLN A 528 -7.86 -3.83 -17.30
N LYS A 529 -8.48 -2.85 -17.95
CA LYS A 529 -7.74 -1.96 -18.86
C LYS A 529 -6.59 -1.26 -18.14
N LEU A 530 -6.85 -0.77 -16.93
CA LEU A 530 -5.86 -0.01 -16.16
C LEU A 530 -4.72 -0.87 -15.64
N ILE A 531 -5.03 -2.10 -15.23
CA ILE A 531 -3.99 -3.02 -14.78
C ILE A 531 -3.08 -3.37 -15.98
N THR A 532 -3.69 -3.61 -17.14
CA THR A 532 -2.92 -3.84 -18.36
C THR A 532 -2.01 -2.64 -18.65
N ILE A 533 -2.55 -1.44 -18.55
CA ILE A 533 -1.76 -0.23 -18.77
C ILE A 533 -0.60 -0.11 -17.76
N ARG A 534 -0.87 -0.33 -16.49
CA ARG A 534 0.18 -0.22 -15.49
C ARG A 534 1.31 -1.24 -15.77
N ASN A 535 0.91 -2.46 -16.13
CA ASN A 535 1.87 -3.49 -16.46
C ASN A 535 2.66 -3.26 -17.75
N GLN A 536 2.17 -2.38 -18.62
CA GLN A 536 2.89 -2.01 -19.85
C GLN A 536 4.01 -0.99 -19.60
N TYR A 537 3.91 -0.18 -18.55
CA TYR A 537 4.78 0.98 -18.37
C TYR A 537 5.48 0.99 -17.01
N PRO A 538 6.77 0.64 -16.98
CA PRO A 538 7.57 0.79 -15.76
C PRO A 538 7.47 2.19 -15.16
N ALA A 539 7.31 3.23 -15.99
CA ALA A 539 7.18 4.59 -15.48
C ALA A 539 6.02 4.74 -14.49
N LEU A 540 4.96 3.98 -14.65
CA LEU A 540 3.82 4.03 -13.71
C LEU A 540 4.08 3.36 -12.37
N ARG A 541 5.01 2.41 -12.34
CA ARG A 541 5.36 1.67 -11.12
C ARG A 541 6.55 2.23 -10.37
N THR A 542 7.58 2.64 -11.10
CA THR A 542 8.84 3.06 -10.49
C THR A 542 9.38 4.37 -11.09
N GLY A 543 8.58 5.05 -11.89
CA GLY A 543 9.00 6.30 -12.50
C GLY A 543 8.94 7.49 -11.58
N SER A 544 9.46 8.61 -12.06
CA SER A 544 9.30 9.88 -11.37
C SER A 544 7.82 10.28 -11.30
N PHE A 545 7.53 11.22 -10.39
CA PHE A 545 6.21 11.82 -10.23
C PHE A 545 6.40 13.32 -10.27
N MET A 546 5.70 14.00 -11.16
CA MET A 546 5.73 15.46 -11.25
C MET A 546 4.32 16.01 -11.36
N THR A 547 3.98 16.97 -10.50
CA THR A 547 2.71 17.67 -10.62
C THR A 547 2.71 18.58 -11.84
N LEU A 548 1.61 18.54 -12.61
CA LEU A 548 1.49 19.34 -13.84
C LEU A 548 0.39 20.42 -13.76
N ILE A 549 -0.78 20.08 -13.24
CA ILE A 549 -1.92 21.01 -13.12
C ILE A 549 -2.61 20.76 -11.79
N THR A 550 -2.87 21.82 -11.05
CA THR A 550 -3.75 21.77 -9.89
C THR A 550 -4.74 22.91 -10.03
N ASP A 551 -5.88 22.61 -10.64
CA ASP A 551 -6.86 23.63 -11.04
C ASP A 551 -8.09 23.47 -10.15
N ASP A 552 -8.23 24.35 -9.16
CA ASP A 552 -9.35 24.30 -8.23
C ASP A 552 -10.65 24.86 -8.82
N THR A 553 -10.58 25.59 -9.92
CA THR A 553 -11.78 26.12 -10.57
C THR A 553 -12.50 25.01 -11.35
N ASN A 554 -11.77 24.30 -12.21
CA ASN A 554 -12.34 23.23 -13.01
C ASN A 554 -12.15 21.84 -12.40
N LYS A 555 -11.51 21.75 -11.23
CA LYS A 555 -11.29 20.48 -10.51
C LYS A 555 -10.47 19.50 -11.35
N ILE A 556 -9.41 20.02 -11.97
CA ILE A 556 -8.52 19.25 -12.81
C ILE A 556 -7.19 19.01 -12.10
N TYR A 557 -6.78 17.73 -12.02
CA TYR A 557 -5.47 17.36 -11.51
C TYR A 557 -4.73 16.64 -12.59
N SER A 558 -3.50 17.09 -12.89
CA SER A 558 -2.65 16.40 -13.82
C SER A 558 -1.26 16.24 -13.23
N TYR A 559 -0.69 15.08 -13.50
CA TYR A 559 0.66 14.74 -13.07
C TYR A 559 1.32 13.86 -14.10
N GLY A 560 2.64 13.85 -14.09
CA GLY A 560 3.42 13.04 -14.99
C GLY A 560 4.10 11.89 -14.28
N ARG A 561 4.18 10.75 -14.97
CA ARG A 561 4.93 9.59 -14.54
C ARG A 561 5.90 9.30 -15.69
N PHE A 562 7.21 9.25 -15.40
CA PHE A 562 8.18 9.26 -16.49
C PHE A 562 9.52 8.69 -16.08
N ASP A 563 10.21 8.09 -17.04
CA ASP A 563 11.51 7.51 -16.80
C ASP A 563 12.38 7.73 -18.02
N ASN A 564 13.42 6.92 -18.20
CA ASN A 564 14.33 7.10 -19.35
C ASN A 564 13.66 6.81 -20.68
N VAL A 565 12.59 6.01 -20.67
CA VAL A 565 11.94 5.46 -21.87
C VAL A 565 10.59 6.12 -22.16
N ASN A 566 9.71 6.20 -21.16
CA ASN A 566 8.34 6.68 -21.36
C ASN A 566 8.04 7.95 -20.59
N ARG A 567 7.14 8.74 -21.16
CA ARG A 567 6.58 9.93 -20.52
C ARG A 567 5.06 9.82 -20.58
N ILE A 568 4.41 9.93 -19.42
CA ILE A 568 2.96 9.75 -19.32
C ILE A 568 2.36 10.89 -18.53
N ALA A 569 1.47 11.66 -19.15
CA ALA A 569 0.71 12.70 -18.44
C ALA A 569 -0.68 12.17 -18.13
N VAL A 570 -0.98 12.03 -16.84
CA VAL A 570 -2.31 11.63 -16.41
C VAL A 570 -3.12 12.90 -16.20
N VAL A 571 -4.34 12.95 -16.73
CA VAL A 571 -5.23 14.10 -16.56
C VAL A 571 -6.52 13.62 -15.96
N LEU A 572 -6.87 14.13 -14.78
CA LEU A 572 -8.03 13.71 -14.02
C LEU A 572 -8.99 14.87 -13.87
N ASN A 573 -10.27 14.59 -14.15
CA ASN A 573 -11.34 15.55 -14.01
C ASN A 573 -12.22 15.12 -12.85
N ASN A 574 -12.14 15.86 -11.74
CA ASN A 574 -12.93 15.62 -10.54
C ASN A 574 -14.20 16.48 -10.48
N ASP A 575 -14.53 17.15 -11.60
CA ASP A 575 -15.77 17.91 -11.70
C ASP A 575 -16.88 16.98 -12.19
N SER A 576 -18.11 17.50 -12.18
CA SER A 576 -19.28 16.75 -12.65
C SER A 576 -19.63 17.01 -14.11
N VAL A 577 -18.81 17.79 -14.80
CA VAL A 577 -18.98 18.13 -16.22
C VAL A 577 -17.66 17.97 -16.94
N SER A 578 -17.72 17.83 -18.24
CA SER A 578 -16.51 17.71 -19.06
C SER A 578 -15.68 18.99 -19.01
N HIS A 579 -14.37 18.83 -19.17
CA HIS A 579 -13.47 19.95 -19.36
C HIS A 579 -12.47 19.61 -20.44
N THR A 580 -12.15 20.59 -21.29
CA THR A 580 -11.10 20.46 -22.27
C THR A 580 -9.86 21.10 -21.66
N VAL A 581 -8.79 20.30 -21.59
CA VAL A 581 -7.61 20.66 -20.80
C VAL A 581 -6.41 20.78 -21.71
N ASN A 582 -5.66 21.86 -21.55
CA ASN A 582 -4.37 22.01 -22.22
C ASN A 582 -3.29 21.47 -21.28
N VAL A 583 -2.76 20.30 -21.65
CA VAL A 583 -1.85 19.56 -20.76
C VAL A 583 -0.42 19.97 -21.07
N PRO A 584 0.32 20.52 -20.06
CA PRO A 584 1.68 21.02 -20.29
C PRO A 584 2.70 19.88 -20.33
N VAL A 585 2.61 19.08 -21.36
CA VAL A 585 3.51 17.95 -21.54
C VAL A 585 4.98 18.33 -21.78
N TRP A 586 5.23 19.60 -22.15
CA TRP A 586 6.59 20.13 -22.18
C TRP A 586 7.33 19.95 -20.86
N GLN A 587 6.61 20.00 -19.74
CA GLN A 587 7.22 19.76 -18.42
C GLN A 587 7.81 18.38 -18.26
N LEU A 588 7.27 17.41 -19.00
CA LEU A 588 7.81 16.05 -19.06
C LEU A 588 8.79 15.82 -20.21
N SER A 589 9.14 16.89 -20.92
CA SER A 589 10.01 16.82 -22.10
C SER A 589 9.46 15.98 -23.23
N MET A 590 8.13 15.98 -23.39
CA MET A 590 7.55 15.40 -24.60
C MET A 590 7.82 16.38 -25.75
N PRO A 591 8.52 15.93 -26.81
CA PRO A 591 8.89 16.90 -27.86
C PRO A 591 7.72 17.39 -28.71
N ASN A 592 7.80 18.66 -29.10
CA ASN A 592 6.90 19.17 -30.13
C ASN A 592 6.92 18.28 -31.38
N GLY A 593 5.71 18.01 -31.89
CA GLY A 593 5.53 17.14 -33.05
C GLY A 593 5.47 15.65 -32.76
N SER A 594 5.80 15.23 -31.53
CA SER A 594 5.67 13.82 -31.16
C SER A 594 4.20 13.51 -30.88
N THR A 595 3.89 12.22 -30.93
CA THR A 595 2.54 11.76 -30.64
C THR A 595 2.44 11.18 -29.23
N VAL A 596 1.28 11.39 -28.62
CA VAL A 596 0.90 10.71 -27.37
C VAL A 596 -0.41 10.00 -27.63
N THR A 597 -0.64 8.92 -26.92
CA THR A 597 -1.87 8.16 -27.05
C THR A 597 -2.52 8.06 -25.67
N ASP A 598 -3.79 8.43 -25.58
CA ASP A 598 -4.57 8.19 -24.39
C ASP A 598 -4.81 6.70 -24.30
N LYS A 599 -4.14 6.02 -23.36
CA LYS A 599 -4.22 4.58 -23.30
C LYS A 599 -5.58 4.06 -22.84
N ILE A 600 -6.41 4.92 -22.27
CA ILE A 600 -7.77 4.48 -21.90
C ILE A 600 -8.64 4.27 -23.16
N THR A 601 -8.50 5.13 -24.15
CA THR A 601 -9.37 5.13 -25.33
C THR A 601 -8.69 4.71 -26.64
N GLY A 602 -7.37 4.80 -26.69
CA GLY A 602 -6.63 4.66 -27.94
C GLY A 602 -6.56 5.93 -28.78
N HIS A 603 -7.16 7.03 -28.32
CA HIS A 603 -7.17 8.30 -29.09
C HIS A 603 -5.75 8.90 -29.10
N SER A 604 -5.29 9.30 -30.29
CA SER A 604 -3.93 9.83 -30.51
C SER A 604 -3.95 11.37 -30.59
N TYR A 605 -2.89 12.00 -30.09
CA TYR A 605 -2.74 13.45 -30.12
C TYR A 605 -1.31 13.81 -30.50
N THR A 606 -1.14 15.03 -31.03
CA THR A 606 0.17 15.55 -31.39
C THR A 606 0.50 16.71 -30.47
N VAL A 607 1.74 16.71 -29.97
CA VAL A 607 2.21 17.77 -29.08
C VAL A 607 2.48 19.02 -29.93
N GLN A 608 1.92 20.16 -29.50
CA GLN A 608 2.14 21.47 -30.15
C GLN A 608 2.32 22.54 -29.10
N ASN A 609 3.35 23.38 -29.28
CA ASN A 609 3.66 24.45 -28.34
C ASN A 609 3.70 23.92 -26.91
N GLY A 610 4.24 22.71 -26.75
CA GLY A 610 4.40 22.08 -25.45
C GLY A 610 3.15 21.49 -24.84
N MET A 611 2.07 21.41 -25.61
CA MET A 611 0.74 21.11 -25.09
C MET A 611 0.06 19.98 -25.85
N VAL A 612 -0.79 19.24 -25.13
CA VAL A 612 -1.77 18.32 -25.69
C VAL A 612 -3.12 18.83 -25.18
N THR A 613 -4.10 18.97 -26.08
CA THR A 613 -5.44 19.42 -25.71
C THR A 613 -6.38 18.21 -25.76
N VAL A 614 -6.99 17.91 -24.61
CA VAL A 614 -7.80 16.69 -24.47
C VAL A 614 -9.09 17.04 -23.75
N ALA A 615 -10.20 16.48 -24.22
CA ALA A 615 -11.49 16.61 -23.53
C ALA A 615 -11.70 15.40 -22.62
N VAL A 616 -11.94 15.68 -21.34
CA VAL A 616 -12.08 14.64 -20.31
C VAL A 616 -13.43 14.80 -19.65
N ASP A 617 -14.20 13.72 -19.63
CA ASP A 617 -15.50 13.72 -18.99
C ASP A 617 -15.38 13.96 -17.49
N GLY A 618 -16.45 14.49 -16.89
CA GLY A 618 -16.54 14.58 -15.44
C GLY A 618 -16.29 13.23 -14.77
N HIS A 619 -15.53 13.25 -13.68
CA HIS A 619 -15.17 12.02 -12.94
C HIS A 619 -14.61 10.96 -13.87
N TYR A 620 -13.62 11.40 -14.65
CA TYR A 620 -12.92 10.51 -15.54
C TYR A 620 -11.51 11.03 -15.79
N GLY A 621 -10.76 10.32 -16.62
CA GLY A 621 -9.38 10.70 -16.86
C GLY A 621 -8.83 10.19 -18.16
N ALA A 622 -7.68 10.75 -18.53
CA ALA A 622 -6.89 10.32 -19.68
C ALA A 622 -5.50 9.96 -19.21
N VAL A 623 -4.88 8.99 -19.87
CA VAL A 623 -3.54 8.53 -19.54
C VAL A 623 -2.71 8.69 -20.82
N LEU A 624 -2.06 9.84 -20.95
CA LEU A 624 -1.45 10.25 -22.23
C LEU A 624 0.00 9.79 -22.28
N ALA A 625 0.25 8.70 -23.00
CA ALA A 625 1.55 8.02 -22.97
C ALA A 625 2.31 8.12 -24.29
N GLN A 626 3.63 8.19 -24.19
CA GLN A 626 4.53 7.96 -25.31
C GLN A 626 5.80 7.27 -24.83
CA CA B . 17.88 32.76 -13.59
CA CA C . -17.28 -23.22 2.25
CA CA D . -8.23 -24.97 30.39
C1 MPD E . -15.82 -7.46 17.05
C2 MPD E . -14.60 -8.13 17.65
O2 MPD E . -14.73 -9.57 17.44
CM MPD E . -14.61 -7.88 19.14
C3 MPD E . -13.22 -7.67 17.08
C4 MPD E . -13.00 -6.51 16.09
O4 MPD E . -13.95 -5.41 16.09
C5 MPD E . -11.63 -5.88 16.31
#